data_7KLC
#
_entry.id   7KLC
#
_cell.length_a   204.060
_cell.length_b   60.633
_cell.length_c   166.762
_cell.angle_alpha   90.000
_cell.angle_beta   90.000
_cell.angle_gamma   90.000
#
_symmetry.space_group_name_H-M   'P 21 21 2'
#
loop_
_entity.id
_entity.type
_entity.pdbx_description
1 polymer 'M4H2K1 Fab heavy chain'
2 polymer 'M4H2K1 Fab light chain'
3 polymer '17b Fab light chain'
4 polymer '17b Fab heavy chain'
5 polymer 'HIV-1 clade A BG505 gp120,HIV-1 clade A BG505 gp120'
6 branched 2-acetamido-2-deoxy-beta-D-glucopyranose-(1-4)-2-acetamido-2-deoxy-beta-D-glucopyranose
7 branched alpha-D-mannopyranose-(1-3)-[alpha-D-mannopyranose-(1-6)]beta-D-mannopyranose-(1-4)-2-acetamido-2-deoxy-beta-D-glucopyranose-(1-4)-2-acetamido-2-deoxy-beta-D-glucopyranose
8 branched beta-D-mannopyranose-(1-4)-2-acetamido-2-deoxy-beta-D-glucopyranose-(1-4)-2-acetamido-2-deoxy-beta-D-glucopyranose
9 non-polymer 2-acetamido-2-deoxy-beta-D-glucopyranose
#
loop_
_entity_poly.entity_id
_entity_poly.type
_entity_poly.pdbx_seq_one_letter_code
_entity_poly.pdbx_strand_id
1 'polypeptide(L)'
;EVKLEESGGGLVQPGGSMKLSCVASGITFSNSWMSWVRQSPEKGLEWVAEIRLKAQNYATHYAASVKGRFTISRDDSKSS
VYLQMNNLRPEDTGIYYCTTPLGGYFDMDYWGQGTSLTVSSASTKGPSVFPLAPSSKSTSGGTAALGCLVKDYFPEPVTV
SWNSGALTSGVHTFPAVLQSSGLYSLSSVVTVPSSSLGTQTYICNVNHKPSNTKVDKRVEPKSCDK
;
H
2 'polypeptide(L)'
;DIVLTQSPASLAVSLGQRATISCRASESVDIYGISFMNWFQQRPGQPPKLLIYAASNRGSGVPARFSGSGSGTDFSLNIH
PMEEDDTAMYFCQQSKEVPWTFGGGTKLEIKRTVAAPSVFIFPPSDEQLKSGTASVVCLLNNFYPREAKVQWKVDNALQS
GNSQESVTEQDSKDSTYSLSSTLTLSKADYEKHKVYACEVTHQGLSSPVTKSFNRGEC
;
L
3 'polypeptide(L)'
;DIVMTQSPATLSVSPGERATLSCRASESVSSDLAWYQQKPGQAPRLLIYGASTRATGVPARFSGSGSGAEFTLTISSLQS
EDFAVYYCQQYNNWPPRYTFGQGTRLEIKRTVAAPSVFIFPPSDEQLKSGTASVVCLLNNFYPREAKVQWKVDNALQSGN
SQESVTEQDSKDSTYSLSSTLTLSKADYEKHKVYACEVTHQGLSSPVTKSFNRG
;
C
4 'polypeptide(L)'
;EVQLVESGAEVKKPGSSVKVSCKASGDTFIRYSFTWVRQAPGQGLEWMGRIITILDVAHYAPHLQGRVTITADKSTSTVY
LELRNLRSDDTAVYFCAGVYEGEADEGEYDNNGFLKHWGQGTLVTVSSASTKGPSVFPLAPSS(UNK)(UNK)TSGGTAA
LGCLVKDYFPEPVTVSWNSGALTSGVHTFPAVLQSSGLYSLSSVVTVPSSSLGTQTYICNVNHKPSNTKVDKKVEPK
;
D
5 'polypeptide(L)'
;VWKDAETTLFCASDAKAYETEKHNVWATHACVPTDPNPQEIHLENVTEEFNMWKNNMVEQMHTDIISLWDQSLKPCVKLT
PLCVGAGNCNTSAITQACPKVSFEPIPIHYCAPAGFAILKCKDKKFNGTGPCPSVSTVQCTHGIKPVVSTQLLLNGSLAE
EEVMIRSENITNNAKNILVQFNTPVQINCTRPNNNTRKSIRIGPGQAFYATGDIIGDIRQAHCNVSKATWNETLGKVVKQ
LRKHFGNNTIIRFANSSGGDLEVTTHSFNCGGEFFYCNTSGLFNSTWISNTSVQGSNSTGSNDSITLPCRIKQIINMWQR
IGQAMYAPPIQGVIRCVSNITGLILTRDGGSTNSTTETFRPGGGDMRDNWRSELYKYKVVKIE
;
A
#
# COMPACT_ATOMS: atom_id res chain seq x y z
N GLU A 1 3.18 -44.89 4.06
CA GLU A 1 1.76 -44.88 3.69
C GLU A 1 0.93 -44.10 4.71
N VAL A 2 -0.03 -43.34 4.21
CA VAL A 2 -0.90 -42.52 5.05
C VAL A 2 -2.09 -43.37 5.50
N LYS A 3 -2.41 -43.29 6.78
CA LYS A 3 -3.60 -43.95 7.32
C LYS A 3 -4.27 -43.08 8.36
N LEU A 4 -5.60 -43.04 8.33
CA LEU A 4 -6.41 -42.50 9.41
C LEU A 4 -7.20 -43.63 10.05
N GLU A 5 -7.30 -43.61 11.38
CA GLU A 5 -7.94 -44.68 12.12
C GLU A 5 -8.87 -44.11 13.18
N GLU A 6 -10.17 -44.29 13.01
CA GLU A 6 -11.12 -43.79 13.99
C GLU A 6 -11.39 -44.85 15.04
N SER A 7 -11.70 -44.40 16.25
CA SER A 7 -12.12 -45.30 17.31
C SER A 7 -12.95 -44.51 18.31
N GLY A 8 -13.64 -45.22 19.19
CA GLY A 8 -14.39 -44.59 20.25
C GLY A 8 -15.90 -44.64 20.11
N GLY A 9 -16.43 -45.08 18.97
CA GLY A 9 -17.88 -45.19 18.87
C GLY A 9 -18.51 -46.18 19.83
N GLY A 10 -19.83 -46.24 19.84
CA GLY A 10 -20.55 -47.19 20.66
C GLY A 10 -21.93 -46.67 21.00
N LEU A 11 -22.61 -47.34 21.92
CA LEU A 11 -24.01 -46.96 22.24
C LEU A 11 -24.03 -45.97 23.40
N VAL A 12 -24.81 -44.89 23.25
CA VAL A 12 -24.94 -43.88 24.34
C VAL A 12 -26.41 -43.46 24.40
N GLN A 13 -26.92 -43.14 25.60
CA GLN A 13 -28.35 -42.78 25.74
C GLN A 13 -28.55 -41.31 25.35
N PRO A 14 -29.70 -40.84 24.78
CA PRO A 14 -29.86 -39.41 24.56
C PRO A 14 -29.46 -38.61 25.79
N GLY A 15 -28.75 -37.51 25.55
CA GLY A 15 -28.23 -36.70 26.62
C GLY A 15 -26.85 -37.11 27.08
N GLY A 16 -26.38 -38.30 26.68
CA GLY A 16 -25.10 -38.79 27.10
C GLY A 16 -23.95 -38.25 26.28
N SER A 17 -22.75 -38.73 26.60
CA SER A 17 -21.54 -38.22 25.98
C SER A 17 -20.67 -39.36 25.46
N MET A 18 -19.91 -39.05 24.41
CA MET A 18 -18.90 -39.94 23.85
C MET A 18 -17.79 -39.11 23.24
N LYS A 19 -16.57 -39.67 23.24
CA LYS A 19 -15.41 -39.04 22.63
C LYS A 19 -14.85 -39.96 21.56
N LEU A 20 -14.74 -39.44 20.34
CA LEU A 20 -14.11 -40.15 19.24
C LEU A 20 -12.66 -39.72 19.08
N SER A 21 -11.83 -40.66 18.64
CA SER A 21 -10.43 -40.39 18.37
C SER A 21 -10.07 -40.83 16.96
N CYS A 22 -9.12 -40.12 16.37
CA CYS A 22 -8.60 -40.42 15.04
C CYS A 22 -7.09 -40.25 15.09
N VAL A 23 -6.36 -41.31 14.76
CA VAL A 23 -4.89 -41.27 14.76
C VAL A 23 -4.41 -41.35 13.31
N ALA A 24 -3.47 -40.47 12.97
CA ALA A 24 -2.91 -40.40 11.63
C ALA A 24 -1.50 -40.98 11.64
N SER A 25 -1.17 -41.74 10.60
CA SER A 25 0.18 -42.21 10.38
C SER A 25 0.63 -41.93 8.95
N GLY A 26 1.93 -41.75 8.77
CA GLY A 26 2.51 -41.51 7.46
C GLY A 26 2.31 -40.12 6.90
N ILE A 27 1.85 -39.16 7.70
CA ILE A 27 1.58 -37.81 7.22
C ILE A 27 2.15 -36.82 8.23
N THR A 28 2.47 -35.62 7.75
CA THR A 28 2.91 -34.53 8.62
C THR A 28 1.65 -33.88 9.18
N PHE A 29 1.19 -34.41 10.31
CA PHE A 29 -0.16 -34.13 10.77
C PHE A 29 -0.34 -32.66 11.15
N SER A 30 0.72 -32.02 11.65
CA SER A 30 0.63 -30.63 12.10
C SER A 30 0.36 -29.65 10.96
N ASN A 31 0.51 -30.15 9.73
CA ASN A 31 0.31 -29.35 8.50
C ASN A 31 -0.94 -29.83 7.78
N SER A 32 -1.89 -30.37 8.51
CA SER A 32 -3.11 -30.86 7.88
C SER A 32 -4.33 -30.33 8.63
N TRP A 33 -5.24 -29.69 7.89
CA TRP A 33 -6.58 -29.45 8.43
C TRP A 33 -7.29 -30.78 8.61
N MET A 34 -7.93 -30.95 9.76
CA MET A 34 -8.65 -32.18 10.07
C MET A 34 -10.12 -31.87 10.26
N SER A 35 -10.97 -32.71 9.68
CA SER A 35 -12.39 -32.58 9.86
C SER A 35 -12.99 -33.92 10.31
N TRP A 36 -14.14 -33.84 10.95
CA TRP A 36 -15.00 -35.00 11.14
C TRP A 36 -16.20 -34.83 10.23
N VAL A 37 -16.55 -35.90 9.52
CA VAL A 37 -17.73 -35.95 8.68
C VAL A 37 -18.50 -37.19 9.07
N ARG A 38 -19.82 -37.09 9.16
CA ARG A 38 -20.61 -38.25 9.48
C ARG A 38 -21.52 -38.56 8.32
N GLN A 39 -21.99 -39.81 8.31
CA GLN A 39 -22.83 -40.33 7.24
C GLN A 39 -24.03 -40.96 7.92
N SER A 40 -25.22 -40.57 7.50
CA SER A 40 -26.38 -41.01 8.22
C SER A 40 -26.60 -42.49 7.91
N PRO A 41 -27.39 -43.17 8.73
CA PRO A 41 -27.91 -44.48 8.30
C PRO A 41 -28.57 -44.42 6.94
N GLU A 42 -29.09 -43.25 6.55
CA GLU A 42 -29.66 -43.06 5.23
C GLU A 42 -28.60 -42.99 4.15
N LYS A 43 -27.31 -42.96 4.54
CA LYS A 43 -26.15 -42.99 3.67
C LYS A 43 -25.85 -41.64 3.02
N GLY A 44 -26.42 -40.54 3.55
CA GLY A 44 -26.00 -39.22 3.12
C GLY A 44 -24.89 -38.65 3.99
N LEU A 45 -24.12 -37.75 3.41
CA LEU A 45 -22.93 -37.21 4.05
C LEU A 45 -23.18 -35.81 4.62
N GLU A 46 -22.69 -35.59 5.84
CA GLU A 46 -22.88 -34.32 6.55
C GLU A 46 -21.59 -33.97 7.26
N TRP A 47 -21.01 -32.83 6.91
CA TRP A 47 -19.80 -32.37 7.61
C TRP A 47 -20.15 -31.91 9.02
N VAL A 48 -19.29 -32.22 9.97
CA VAL A 48 -19.56 -32.01 11.39
C VAL A 48 -18.69 -30.91 11.97
N ALA A 49 -17.37 -31.00 11.79
CA ALA A 49 -16.46 -30.08 12.44
C ALA A 49 -15.11 -30.12 11.76
N GLU A 50 -14.38 -29.03 11.89
CA GLU A 50 -13.05 -28.88 11.32
C GLU A 50 -12.16 -28.20 12.35
N ILE A 51 -10.88 -28.57 12.36
CA ILE A 51 -9.89 -27.85 13.14
C ILE A 51 -8.71 -27.52 12.24
N ARG A 52 -8.27 -26.27 12.29
CA ARG A 52 -7.18 -25.76 11.45
C ARG A 52 -5.86 -25.87 12.22
N LEU A 53 -4.87 -25.08 11.82
CA LEU A 53 -3.49 -25.26 12.28
C LEU A 53 -3.16 -24.28 13.40
N LYS A 54 -2.01 -24.52 14.04
CA LYS A 54 -1.49 -23.62 15.07
C LYS A 54 -1.45 -22.17 14.60
N ALA A 55 -1.00 -21.94 13.36
CA ALA A 55 -0.88 -20.58 12.85
C ALA A 55 -2.22 -19.88 12.67
N GLN A 56 -3.32 -20.62 12.52
CA GLN A 56 -4.67 -20.06 12.53
C GLN A 56 -5.29 -20.07 13.91
N ASN A 57 -4.43 -20.14 14.91
CA ASN A 57 -4.85 -20.19 16.33
C ASN A 57 -5.86 -21.32 16.48
N TYR A 58 -5.54 -22.48 15.89
CA TYR A 58 -6.34 -23.71 15.99
C TYR A 58 -7.83 -23.43 15.84
N ALA A 59 -8.18 -22.54 14.91
CA ALA A 59 -9.57 -22.15 14.77
C ALA A 59 -10.45 -23.36 14.48
N THR A 60 -11.58 -23.44 15.19
CA THR A 60 -12.50 -24.58 15.07
C THR A 60 -13.85 -24.09 14.55
N HIS A 61 -14.50 -24.86 13.68
CA HIS A 61 -15.89 -24.46 13.30
C HIS A 61 -16.82 -25.67 13.31
N TYR A 62 -18.07 -25.45 13.70
CA TYR A 62 -18.99 -26.55 13.89
C TYR A 62 -20.23 -26.30 13.08
N ALA A 63 -20.79 -27.37 12.51
CA ALA A 63 -22.10 -27.30 11.89
C ALA A 63 -23.14 -26.93 12.94
N ALA A 64 -24.17 -26.19 12.49
CA ALA A 64 -25.22 -25.74 13.40
C ALA A 64 -25.90 -26.90 14.11
N SER A 65 -26.02 -28.05 13.46
CA SER A 65 -26.71 -29.15 14.11
C SER A 65 -25.94 -29.69 15.30
N VAL A 66 -24.66 -29.35 15.41
CA VAL A 66 -23.80 -29.87 16.48
C VAL A 66 -23.15 -28.76 17.30
N LYS A 67 -23.27 -27.51 16.87
CA LYS A 67 -22.69 -26.39 17.60
C LYS A 67 -23.19 -26.37 19.05
N GLY A 68 -22.26 -26.21 19.99
CA GLY A 68 -22.60 -26.18 21.39
C GLY A 68 -22.73 -27.53 22.05
N ARG A 69 -22.70 -28.60 21.28
CA ARG A 69 -22.73 -29.97 21.79
C ARG A 69 -21.46 -30.76 21.52
N PHE A 70 -20.78 -30.49 20.42
CA PHE A 70 -19.57 -31.21 20.05
C PHE A 70 -18.36 -30.28 20.16
N THR A 71 -17.21 -30.87 20.48
CA THR A 71 -15.95 -30.14 20.56
C THR A 71 -14.87 -30.93 19.83
N ILE A 72 -14.26 -30.32 18.82
CA ILE A 72 -13.14 -30.92 18.10
C ILE A 72 -11.85 -30.37 18.66
N SER A 73 -10.85 -31.25 18.80
CA SER A 73 -9.53 -30.84 19.28
C SER A 73 -8.48 -31.72 18.63
N ARG A 74 -7.21 -31.33 18.79
CA ARG A 74 -6.10 -32.08 18.21
C ARG A 74 -4.91 -32.08 19.16
N ASP A 75 -4.05 -33.08 18.98
CA ASP A 75 -2.79 -33.20 19.70
C ASP A 75 -1.73 -33.46 18.63
N ASP A 76 -1.06 -32.39 18.18
CA ASP A 76 -0.07 -32.55 17.13
C ASP A 76 1.04 -33.50 17.52
N SER A 77 1.42 -33.52 18.81
CA SER A 77 2.50 -34.39 19.23
C SER A 77 2.14 -35.86 19.12
N LYS A 78 0.84 -36.20 19.14
CA LYS A 78 0.40 -37.58 18.98
C LYS A 78 -0.32 -37.83 17.65
N SER A 79 -0.23 -36.89 16.70
CA SER A 79 -0.86 -37.01 15.39
C SER A 79 -2.32 -37.46 15.48
N SER A 80 -3.07 -36.87 16.41
CA SER A 80 -4.43 -37.30 16.70
C SER A 80 -5.38 -36.12 16.73
N VAL A 81 -6.61 -36.36 16.28
CA VAL A 81 -7.69 -35.40 16.37
C VAL A 81 -8.84 -36.08 17.10
N TYR A 82 -9.62 -35.29 17.84
CA TYR A 82 -10.63 -35.81 18.75
C TYR A 82 -11.94 -35.07 18.56
N LEU A 83 -13.04 -35.76 18.84
CA LEU A 83 -14.37 -35.16 18.80
C LEU A 83 -15.10 -35.54 20.10
N GLN A 84 -15.20 -34.59 21.02
CA GLN A 84 -15.97 -34.79 22.23
C GLN A 84 -17.42 -34.43 21.95
N MET A 85 -18.33 -35.36 22.21
CA MET A 85 -19.74 -35.17 21.89
C MET A 85 -20.53 -35.22 23.18
N ASN A 86 -21.16 -34.09 23.53
CA ASN A 86 -22.01 -34.01 24.70
C ASN A 86 -23.45 -33.77 24.29
N ASN A 87 -24.36 -33.96 25.25
CA ASN A 87 -25.80 -33.81 25.03
C ASN A 87 -26.25 -34.44 23.70
N LEU A 88 -25.96 -35.72 23.55
CA LEU A 88 -26.23 -36.36 22.27
C LEU A 88 -27.74 -36.46 22.04
N ARG A 89 -28.10 -36.45 20.76
CA ARG A 89 -29.46 -36.46 20.25
C ARG A 89 -29.66 -37.54 19.22
N PRO A 90 -30.91 -37.97 18.99
CA PRO A 90 -31.15 -39.01 17.98
C PRO A 90 -30.52 -38.70 16.64
N GLU A 91 -30.50 -37.42 16.25
CA GLU A 91 -29.97 -37.06 14.94
C GLU A 91 -28.45 -37.13 14.87
N ASP A 92 -27.76 -37.39 15.99
CA ASP A 92 -26.32 -37.67 15.92
C ASP A 92 -25.97 -39.09 15.54
N THR A 93 -26.93 -40.01 15.41
CA THR A 93 -26.64 -41.36 14.97
C THR A 93 -25.98 -41.37 13.60
N GLY A 94 -24.96 -42.20 13.43
CA GLY A 94 -24.32 -42.33 12.14
C GLY A 94 -22.92 -42.91 12.26
N ILE A 95 -22.29 -43.04 11.09
CA ILE A 95 -20.89 -43.47 10.99
C ILE A 95 -20.04 -42.22 10.89
N TYR A 96 -19.05 -42.11 11.77
CA TYR A 96 -18.21 -40.92 11.83
C TYR A 96 -16.83 -41.19 11.22
N TYR A 97 -16.45 -40.35 10.25
CA TYR A 97 -15.17 -40.46 9.58
C TYR A 97 -14.31 -39.26 9.94
N CYS A 98 -13.00 -39.49 10.09
CA CYS A 98 -12.04 -38.40 10.09
C CYS A 98 -11.38 -38.32 8.72
N THR A 99 -11.10 -37.09 8.29
CA THR A 99 -10.59 -36.87 6.95
C THR A 99 -9.74 -35.61 6.91
N THR A 100 -8.89 -35.55 5.91
CA THR A 100 -8.03 -34.37 5.68
C THR A 100 -7.69 -34.35 4.20
N PRO A 101 -7.41 -33.19 3.58
CA PRO A 101 -7.94 -31.90 4.03
C PRO A 101 -9.45 -31.68 3.90
N LEU A 102 -9.96 -32.10 2.74
CA LEU A 102 -11.36 -32.07 2.23
C LEU A 102 -11.83 -30.66 1.89
N GLY A 103 -10.93 -29.66 1.83
CA GLY A 103 -11.42 -28.29 1.55
C GLY A 103 -10.66 -27.52 0.48
N GLY A 104 -11.37 -26.82 -0.40
CA GLY A 104 -10.68 -25.98 -1.41
C GLY A 104 -9.78 -26.74 -2.36
N TYR A 105 -8.50 -26.36 -2.40
CA TYR A 105 -7.45 -26.87 -3.32
C TYR A 105 -7.24 -28.37 -3.16
N PHE A 106 -6.96 -29.08 -4.25
CA PHE A 106 -6.85 -30.55 -4.07
C PHE A 106 -6.26 -31.35 -5.24
N ASP A 107 -6.07 -32.63 -4.95
CA ASP A 107 -5.63 -33.69 -5.89
C ASP A 107 -5.61 -35.01 -5.13
N MET A 108 -5.65 -34.97 -3.78
CA MET A 108 -5.60 -36.22 -3.00
C MET A 108 -6.07 -35.95 -1.57
N ASP A 109 -6.85 -36.87 -1.01
CA ASP A 109 -7.30 -36.72 0.38
C ASP A 109 -7.22 -38.08 1.05
N TYR A 110 -7.60 -38.12 2.34
CA TYR A 110 -7.49 -39.34 3.11
C TYR A 110 -8.71 -39.45 4.01
N TRP A 111 -9.21 -40.67 4.17
CA TRP A 111 -10.35 -40.96 5.04
C TRP A 111 -10.07 -42.24 5.81
N GLY A 112 -10.53 -42.28 7.05
CA GLY A 112 -10.53 -43.50 7.80
C GLY A 112 -11.67 -44.41 7.35
N GLN A 113 -11.72 -45.59 7.96
CA GLN A 113 -12.82 -46.50 7.67
C GLN A 113 -14.10 -46.15 8.42
N GLY A 114 -14.01 -45.29 9.43
CA GLY A 114 -15.18 -44.84 10.15
C GLY A 114 -15.38 -45.61 11.45
N THR A 115 -16.08 -44.96 12.37
CA THR A 115 -16.54 -45.59 13.61
C THR A 115 -18.03 -45.30 13.78
N SER A 116 -18.78 -46.31 14.22
CA SER A 116 -20.23 -46.22 14.25
C SER A 116 -20.71 -45.73 15.60
N LEU A 117 -21.69 -44.84 15.57
CA LEU A 117 -22.33 -44.31 16.77
C LEU A 117 -23.83 -44.54 16.68
N THR A 118 -24.43 -45.00 17.79
CA THR A 118 -25.91 -45.18 17.84
C THR A 118 -26.44 -44.44 19.08
N VAL A 119 -27.62 -43.82 18.98
CA VAL A 119 -28.21 -43.03 20.11
C VAL A 119 -29.12 -43.97 20.94
N SER A 120 -30.40 -43.62 21.15
CA SER A 120 -31.34 -44.53 21.88
C SER A 120 -31.00 -44.79 23.36
N SER A 121 -31.80 -45.69 23.96
CA SER A 121 -31.63 -46.12 25.37
C SER A 121 -31.66 -47.65 25.47
N ALA A 122 -31.88 -48.34 24.36
CA ALA A 122 -32.01 -49.81 24.40
C ALA A 122 -30.73 -50.46 24.90
N SER A 123 -30.86 -51.53 25.71
CA SER A 123 -29.69 -52.28 26.22
C SER A 123 -29.07 -53.10 25.09
N THR A 124 -27.77 -53.39 25.18
CA THR A 124 -26.99 -54.10 24.13
C THR A 124 -27.17 -55.61 24.23
N LYS A 125 -26.63 -56.36 23.25
CA LYS A 125 -26.69 -57.82 23.16
C LYS A 125 -25.90 -58.28 21.95
N GLY A 126 -24.97 -59.21 22.17
CA GLY A 126 -24.26 -59.80 21.07
C GLY A 126 -25.17 -60.76 20.31
N PRO A 127 -24.83 -61.03 19.06
CA PRO A 127 -25.69 -61.88 18.24
C PRO A 127 -25.58 -63.33 18.63
N SER A 128 -26.66 -64.07 18.40
CA SER A 128 -26.57 -65.52 18.30
C SER A 128 -26.21 -65.90 16.87
N VAL A 129 -25.30 -66.85 16.72
CA VAL A 129 -24.80 -67.24 15.41
C VAL A 129 -25.07 -68.72 15.20
N PHE A 130 -25.86 -69.02 14.18
CA PHE A 130 -26.23 -70.39 13.86
C PHE A 130 -25.73 -70.75 12.47
N PRO A 131 -25.39 -72.02 12.25
CA PRO A 131 -24.88 -72.42 10.93
C PRO A 131 -26.01 -72.53 9.92
N LEU A 132 -25.72 -72.14 8.69
CA LEU A 132 -26.55 -72.48 7.54
C LEU A 132 -25.83 -73.58 6.79
N ALA A 133 -26.17 -74.82 7.11
CA ALA A 133 -25.38 -75.97 6.68
C ALA A 133 -25.65 -76.27 5.21
N PRO A 134 -24.60 -76.60 4.46
CA PRO A 134 -24.79 -76.99 3.06
C PRO A 134 -25.73 -78.18 2.91
N SER A 135 -26.69 -78.12 1.98
CA SER A 135 -27.68 -79.23 1.99
C SER A 135 -27.57 -80.19 0.80
N SER A 136 -27.83 -81.48 1.07
CA SER A 136 -27.87 -82.50 -0.01
C SER A 136 -29.00 -82.13 -0.94
N LYS A 137 -30.03 -81.53 -0.37
CA LYS A 137 -31.18 -81.05 -1.17
C LYS A 137 -30.95 -79.59 -1.57
N SER A 138 -29.81 -79.00 -1.19
CA SER A 138 -29.61 -77.58 -1.57
C SER A 138 -28.25 -77.37 -2.20
N THR A 139 -28.07 -77.74 -3.45
CA THR A 139 -26.80 -77.40 -4.13
C THR A 139 -27.20 -77.12 -5.57
N SER A 140 -26.30 -77.44 -6.47
CA SER A 140 -26.50 -77.40 -7.95
C SER A 140 -25.41 -78.27 -8.57
N GLY A 141 -25.15 -78.11 -9.87
CA GLY A 141 -23.98 -78.85 -10.36
C GLY A 141 -22.84 -78.21 -9.62
N GLY A 142 -22.07 -79.01 -8.88
CA GLY A 142 -20.99 -78.41 -8.06
C GLY A 142 -21.61 -77.38 -7.14
N THR A 143 -21.06 -76.17 -7.18
CA THR A 143 -21.53 -74.99 -6.40
C THR A 143 -22.57 -75.24 -5.31
N ALA A 144 -22.13 -75.40 -4.06
CA ALA A 144 -23.13 -75.41 -2.98
C ALA A 144 -23.09 -74.10 -2.20
N ALA A 145 -24.11 -73.89 -1.39
CA ALA A 145 -24.20 -72.69 -0.57
C ALA A 145 -24.24 -73.08 0.91
N LEU A 146 -23.62 -72.22 1.72
CA LEU A 146 -23.63 -72.33 3.16
C LEU A 146 -23.50 -70.93 3.72
N GLY A 147 -23.64 -70.80 5.03
CA GLY A 147 -23.63 -69.47 5.62
C GLY A 147 -23.71 -69.52 7.12
N CYS A 148 -23.86 -68.33 7.70
CA CYS A 148 -24.11 -68.16 9.12
C CYS A 148 -25.31 -67.24 9.29
N LEU A 149 -26.23 -67.64 10.16
CA LEU A 149 -27.34 -66.79 10.55
C LEU A 149 -26.98 -66.03 11.81
N VAL A 150 -26.97 -64.70 11.71
CA VAL A 150 -26.51 -63.83 12.77
C VAL A 150 -27.75 -63.16 13.33
N LYS A 151 -28.25 -63.67 14.45
CA LYS A 151 -29.61 -63.38 14.88
C LYS A 151 -29.60 -62.71 16.25
N ASP A 152 -30.51 -61.74 16.42
CA ASP A 152 -30.90 -61.21 17.72
C ASP A 152 -29.75 -60.42 18.36
N TYR A 153 -29.23 -59.45 17.62
CA TYR A 153 -28.21 -58.56 18.14
C TYR A 153 -28.71 -57.14 18.11
N PHE A 154 -28.04 -56.28 18.88
CA PHE A 154 -28.41 -54.88 18.93
C PHE A 154 -27.22 -54.10 19.48
N PRO A 155 -26.91 -52.92 18.93
CA PRO A 155 -27.40 -52.27 17.71
C PRO A 155 -26.61 -52.72 16.50
N GLU A 156 -26.87 -52.09 15.37
CA GLU A 156 -25.99 -52.25 14.24
C GLU A 156 -24.65 -51.57 14.55
N PRO A 157 -23.56 -52.00 13.88
CA PRO A 157 -23.58 -53.04 12.87
C PRO A 157 -22.80 -54.26 13.34
N VAL A 158 -22.93 -55.37 12.64
CA VAL A 158 -22.00 -56.48 12.77
C VAL A 158 -21.18 -56.55 11.49
N THR A 159 -19.99 -57.12 11.60
CA THR A 159 -19.22 -57.52 10.44
C THR A 159 -19.00 -59.02 10.48
N VAL A 160 -19.00 -59.65 9.31
CA VAL A 160 -18.77 -61.07 9.17
C VAL A 160 -17.65 -61.29 8.17
N SER A 161 -16.66 -62.09 8.56
CA SER A 161 -15.66 -62.59 7.63
C SER A 161 -15.73 -64.10 7.57
N TRP A 162 -15.05 -64.68 6.60
CA TRP A 162 -14.96 -66.13 6.45
C TRP A 162 -13.50 -66.57 6.44
N ASN A 163 -13.21 -67.61 7.21
CA ASN A 163 -11.87 -68.16 7.36
C ASN A 163 -10.84 -67.08 7.64
N SER A 164 -11.19 -66.19 8.59
CA SER A 164 -10.32 -65.10 9.03
C SER A 164 -9.92 -64.19 7.87
N GLY A 165 -10.79 -64.04 6.87
CA GLY A 165 -10.52 -63.15 5.76
C GLY A 165 -9.92 -63.83 4.54
N ALA A 166 -9.57 -65.11 4.65
CA ALA A 166 -8.99 -65.83 3.51
C ALA A 166 -10.02 -66.17 2.45
N LEU A 167 -11.31 -66.14 2.78
CA LEU A 167 -12.38 -66.50 1.85
C LEU A 167 -13.22 -65.24 1.60
N THR A 168 -13.13 -64.72 0.38
CA THR A 168 -13.86 -63.51 0.02
C THR A 168 -14.70 -63.67 -1.25
N SER A 169 -14.26 -64.50 -2.18
CA SER A 169 -15.01 -64.69 -3.42
C SER A 169 -16.32 -65.42 -3.16
N GLY A 170 -17.40 -64.89 -3.72
CA GLY A 170 -18.71 -65.50 -3.61
C GLY A 170 -19.47 -65.22 -2.34
N VAL A 171 -18.98 -64.30 -1.50
CA VAL A 171 -19.60 -64.02 -0.21
C VAL A 171 -20.62 -62.90 -0.39
N HIS A 172 -21.81 -63.11 0.16
CA HIS A 172 -22.85 -62.09 0.23
C HIS A 172 -23.28 -61.96 1.69
N THR A 173 -23.03 -60.79 2.28
CA THR A 173 -23.50 -60.52 3.63
C THR A 173 -24.62 -59.50 3.51
N PHE A 174 -25.82 -59.93 3.84
CA PHE A 174 -27.03 -59.16 3.58
C PHE A 174 -27.18 -58.01 4.56
N PRO A 175 -27.87 -56.94 4.16
CA PRO A 175 -28.22 -55.90 5.12
C PRO A 175 -29.07 -56.48 6.24
N ALA A 176 -28.93 -55.93 7.44
CA ALA A 176 -29.71 -56.42 8.56
C ALA A 176 -31.16 -55.97 8.43
N VAL A 177 -32.05 -56.75 9.03
CA VAL A 177 -33.45 -56.36 9.18
C VAL A 177 -33.78 -56.24 10.66
N LEU A 178 -34.54 -55.21 11.01
CA LEU A 178 -35.05 -55.06 12.37
C LEU A 178 -36.27 -55.95 12.55
N GLN A 179 -36.21 -56.84 13.55
CA GLN A 179 -37.33 -57.71 13.86
C GLN A 179 -38.32 -57.01 14.78
N SER A 180 -39.53 -57.55 14.84
CA SER A 180 -40.56 -57.00 15.74
C SER A 180 -40.11 -57.01 17.20
N SER A 181 -39.13 -57.85 17.55
CA SER A 181 -38.57 -57.88 18.89
C SER A 181 -37.69 -56.67 19.20
N GLY A 182 -37.34 -55.87 18.21
CA GLY A 182 -36.40 -54.78 18.42
C GLY A 182 -34.94 -55.15 18.24
N LEU A 183 -34.64 -56.39 17.88
CA LEU A 183 -33.27 -56.85 17.66
C LEU A 183 -33.04 -57.05 16.16
N TYR A 184 -31.78 -56.95 15.76
CA TYR A 184 -31.45 -57.08 14.35
C TYR A 184 -31.06 -58.51 14.02
N SER A 185 -31.17 -58.83 12.74
CA SER A 185 -30.73 -60.12 12.23
C SER A 185 -30.28 -59.94 10.78
N LEU A 186 -29.33 -60.77 10.37
CA LEU A 186 -28.93 -60.85 8.97
C LEU A 186 -28.36 -62.23 8.75
N SER A 187 -28.22 -62.59 7.47
CA SER A 187 -27.43 -63.74 7.11
C SER A 187 -26.23 -63.31 6.28
N SER A 188 -25.15 -64.08 6.40
CA SER A 188 -24.01 -63.99 5.50
C SER A 188 -23.89 -65.35 4.84
N VAL A 189 -23.83 -65.37 3.52
CA VAL A 189 -23.74 -66.63 2.79
C VAL A 189 -22.54 -66.58 1.86
N VAL A 190 -22.13 -67.75 1.40
CA VAL A 190 -21.04 -67.90 0.45
C VAL A 190 -21.31 -69.14 -0.39
N THR A 191 -20.95 -69.07 -1.65
CA THR A 191 -20.98 -70.25 -2.53
C THR A 191 -19.56 -70.74 -2.70
N VAL A 192 -19.39 -72.06 -2.64
CA VAL A 192 -18.07 -72.68 -2.68
C VAL A 192 -18.20 -73.91 -3.56
N PRO A 193 -17.11 -74.56 -3.99
CA PRO A 193 -17.28 -75.80 -4.72
C PRO A 193 -17.84 -76.85 -3.77
N SER A 194 -18.89 -77.54 -4.21
CA SER A 194 -19.46 -78.58 -3.39
C SER A 194 -18.53 -79.77 -3.24
N SER A 195 -17.59 -79.96 -4.16
CA SER A 195 -16.61 -81.02 -4.00
C SER A 195 -15.65 -80.73 -2.85
N SER A 196 -15.61 -79.49 -2.36
CA SER A 196 -14.74 -79.06 -1.28
C SER A 196 -15.36 -79.27 0.09
N LEU A 197 -16.65 -79.64 0.15
CA LEU A 197 -17.38 -79.58 1.42
C LEU A 197 -16.80 -80.55 2.44
N GLY A 198 -16.23 -81.66 1.96
CA GLY A 198 -15.58 -82.59 2.86
C GLY A 198 -14.12 -82.28 3.10
N THR A 199 -13.54 -81.37 2.32
CA THR A 199 -12.12 -81.05 2.40
C THR A 199 -11.84 -79.74 3.12
N GLN A 200 -12.53 -78.68 2.75
CA GLN A 200 -12.18 -77.33 3.18
C GLN A 200 -12.98 -76.95 4.42
N THR A 201 -12.31 -76.38 5.41
CA THR A 201 -12.99 -75.91 6.60
C THR A 201 -13.53 -74.51 6.33
N TYR A 202 -14.76 -74.26 6.75
CA TYR A 202 -15.37 -72.93 6.64
C TYR A 202 -15.81 -72.44 8.01
N ILE A 203 -15.34 -71.25 8.37
CA ILE A 203 -15.67 -70.63 9.65
C ILE A 203 -16.04 -69.18 9.38
N CYS A 204 -17.19 -68.75 9.91
CA CYS A 204 -17.57 -67.35 9.84
C CYS A 204 -17.14 -66.65 11.12
N ASN A 205 -16.58 -65.47 10.96
CA ASN A 205 -16.09 -64.68 12.09
C ASN A 205 -17.00 -63.47 12.23
N VAL A 206 -17.77 -63.42 13.32
CA VAL A 206 -18.81 -62.43 13.51
C VAL A 206 -18.36 -61.51 14.63
N ASN A 207 -18.13 -60.25 14.28
CA ASN A 207 -17.71 -59.23 15.24
C ASN A 207 -18.86 -58.27 15.50
N HIS A 208 -19.04 -57.90 16.76
CA HIS A 208 -20.07 -56.96 17.17
C HIS A 208 -19.39 -55.97 18.11
N LYS A 209 -18.92 -54.86 17.55
CA LYS A 209 -18.18 -53.89 18.35
C LYS A 209 -19.01 -53.32 19.52
N PRO A 210 -20.32 -53.05 19.38
CA PRO A 210 -21.05 -52.49 20.52
C PRO A 210 -21.04 -53.36 21.76
N SER A 211 -21.04 -54.69 21.61
CA SER A 211 -20.94 -55.56 22.77
C SER A 211 -19.52 -56.02 23.04
N ASN A 212 -18.54 -55.61 22.21
CA ASN A 212 -17.17 -56.06 22.32
C ASN A 212 -17.06 -57.58 22.35
N THR A 213 -17.82 -58.25 21.49
CA THR A 213 -17.83 -59.70 21.43
C THR A 213 -17.41 -60.19 20.05
N LYS A 214 -16.86 -61.40 20.02
CA LYS A 214 -16.48 -62.07 18.78
C LYS A 214 -16.93 -63.52 18.86
N VAL A 215 -17.57 -64.01 17.81
CA VAL A 215 -17.97 -65.41 17.75
C VAL A 215 -17.46 -66.01 16.45
N ASP A 216 -16.81 -67.17 16.54
CA ASP A 216 -16.43 -67.95 15.37
C ASP A 216 -17.31 -69.19 15.36
N LYS A 217 -17.91 -69.51 14.22
CA LYS A 217 -18.78 -70.68 14.13
C LYS A 217 -18.39 -71.50 12.90
N ARG A 218 -18.02 -72.75 13.13
CA ARG A 218 -17.70 -73.66 12.04
C ARG A 218 -18.99 -74.20 11.44
N VAL A 219 -19.05 -74.20 10.11
CA VAL A 219 -20.26 -74.58 9.37
C VAL A 219 -19.96 -75.87 8.63
N GLU A 220 -20.63 -76.94 9.03
CA GLU A 220 -20.43 -78.28 8.49
C GLU A 220 -21.73 -78.82 7.91
N PRO A 221 -21.64 -79.80 7.00
CA PRO A 221 -22.84 -80.57 6.65
C PRO A 221 -23.50 -81.19 7.87
N LYS A 222 -24.82 -81.17 7.90
CA LYS A 222 -25.56 -81.73 9.04
C LYS A 222 -25.50 -83.25 9.01
N ASP B 1 -25.22 -21.34 4.08
CA ASP B 1 -24.39 -22.42 3.57
C ASP B 1 -24.62 -22.62 2.07
N ILE B 2 -23.63 -23.19 1.39
CA ILE B 2 -23.75 -23.51 -0.03
C ILE B 2 -24.48 -24.84 -0.14
N VAL B 3 -25.73 -24.80 -0.58
CA VAL B 3 -26.55 -26.00 -0.68
C VAL B 3 -26.35 -26.64 -2.04
N LEU B 4 -26.12 -27.95 -2.06
CA LEU B 4 -25.87 -28.69 -3.29
C LEU B 4 -27.07 -29.58 -3.59
N THR B 5 -27.68 -29.36 -4.75
CA THR B 5 -28.83 -30.13 -5.22
C THR B 5 -28.33 -31.17 -6.23
N GLN B 6 -28.22 -32.42 -5.79
CA GLN B 6 -27.71 -33.49 -6.63
C GLN B 6 -28.87 -34.24 -7.27
N SER B 7 -28.74 -34.52 -8.56
CA SER B 7 -29.78 -35.22 -9.30
C SER B 7 -29.14 -36.18 -10.30
N PRO B 8 -29.77 -37.33 -10.55
CA PRO B 8 -30.96 -37.80 -9.82
C PRO B 8 -30.56 -38.56 -8.57
N ALA B 9 -31.51 -38.81 -7.65
CA ALA B 9 -31.19 -39.62 -6.48
C ALA B 9 -30.87 -41.05 -6.87
N SER B 10 -31.49 -41.56 -7.93
CA SER B 10 -31.31 -42.94 -8.37
C SER B 10 -31.15 -42.94 -9.88
N LEU B 11 -30.10 -43.60 -10.37
CA LEU B 11 -29.79 -43.60 -11.80
C LEU B 11 -29.46 -45.02 -12.24
N ALA B 12 -30.13 -45.49 -13.29
CA ALA B 12 -29.86 -46.78 -13.90
C ALA B 12 -29.37 -46.57 -15.33
N VAL B 13 -28.20 -47.12 -15.66
CA VAL B 13 -27.59 -46.94 -16.96
C VAL B 13 -27.20 -48.31 -17.51
N SER B 14 -27.33 -48.47 -18.82
CA SER B 14 -26.91 -49.71 -19.48
C SER B 14 -25.39 -49.77 -19.58
N LEU B 15 -24.83 -50.96 -19.33
CA LEU B 15 -23.40 -51.15 -19.55
C LEU B 15 -23.01 -50.71 -20.95
N GLY B 16 -21.89 -50.00 -21.05
CA GLY B 16 -21.45 -49.49 -22.32
C GLY B 16 -21.92 -48.10 -22.63
N GLN B 17 -22.83 -47.55 -21.82
CA GLN B 17 -23.43 -46.25 -22.03
C GLN B 17 -22.91 -45.27 -20.97
N ARG B 18 -23.30 -44.00 -21.15
CA ARG B 18 -22.83 -42.93 -20.30
C ARG B 18 -23.77 -42.72 -19.12
N ALA B 19 -23.19 -42.57 -17.93
CA ALA B 19 -23.95 -42.17 -16.75
C ALA B 19 -23.62 -40.71 -16.49
N THR B 20 -24.66 -39.88 -16.39
CA THR B 20 -24.50 -38.45 -16.13
C THR B 20 -25.17 -38.07 -14.82
N ILE B 21 -24.39 -37.52 -13.90
CA ILE B 21 -24.85 -37.11 -12.58
C ILE B 21 -24.62 -35.61 -12.48
N SER B 22 -25.66 -34.89 -12.05
CA SER B 22 -25.62 -33.42 -11.96
C SER B 22 -25.50 -32.97 -10.51
N CYS B 23 -25.20 -31.69 -10.31
CA CYS B 23 -25.03 -31.11 -8.95
C CYS B 23 -25.06 -29.59 -9.11
N ARG B 24 -26.13 -28.95 -8.61
CA ARG B 24 -26.31 -27.51 -8.69
C ARG B 24 -26.04 -26.92 -7.32
N ALA B 25 -25.22 -25.87 -7.29
CA ALA B 25 -24.92 -25.16 -6.05
C ALA B 25 -25.79 -23.92 -5.89
N SER B 26 -26.13 -23.61 -4.64
CA SER B 26 -26.98 -22.46 -4.36
C SER B 26 -26.27 -21.14 -4.63
N GLU B 27 -24.95 -21.15 -4.72
CA GLU B 27 -24.17 -19.97 -5.06
C GLU B 27 -22.88 -20.45 -5.70
N SER B 28 -22.19 -19.52 -6.37
CA SER B 28 -21.00 -19.91 -7.13
C SER B 28 -19.95 -20.50 -6.20
N VAL B 29 -19.27 -21.54 -6.68
CA VAL B 29 -18.14 -22.14 -6.00
C VAL B 29 -16.82 -21.80 -6.70
N ASP B 30 -16.81 -20.77 -7.53
CA ASP B 30 -15.60 -20.37 -8.23
C ASP B 30 -14.79 -19.40 -7.38
N ILE B 31 -13.48 -19.57 -7.39
CA ILE B 31 -12.53 -18.54 -6.98
C ILE B 31 -11.43 -18.49 -8.03
N TYR B 32 -11.24 -17.33 -8.63
CA TYR B 32 -10.14 -17.05 -9.57
C TYR B 32 -10.06 -18.12 -10.66
N GLY B 33 -11.19 -18.34 -11.35
CA GLY B 33 -11.22 -19.25 -12.47
C GLY B 33 -11.16 -20.72 -12.12
N ILE B 34 -11.01 -21.05 -10.84
CA ILE B 34 -11.03 -22.43 -10.38
C ILE B 34 -12.36 -22.72 -9.71
N SER B 35 -12.99 -23.83 -10.08
CA SER B 35 -14.25 -24.23 -9.41
C SER B 35 -13.85 -25.26 -8.35
N PHE B 36 -13.98 -24.92 -7.06
CA PHE B 36 -13.54 -25.84 -5.99
C PHE B 36 -14.59 -26.92 -5.70
N MET B 37 -14.97 -27.69 -6.72
CA MET B 37 -15.98 -28.77 -6.54
C MET B 37 -15.29 -30.13 -6.71
N ASN B 38 -15.76 -31.14 -5.97
CA ASN B 38 -15.19 -32.47 -5.99
C ASN B 38 -16.30 -33.49 -6.19
N TRP B 39 -15.91 -34.65 -6.72
CA TRP B 39 -16.79 -35.80 -6.83
C TRP B 39 -16.12 -37.00 -6.19
N PHE B 40 -16.92 -37.75 -5.42
CA PHE B 40 -16.50 -38.95 -4.74
C PHE B 40 -17.35 -40.14 -5.18
N GLN B 41 -16.71 -41.30 -5.20
CA GLN B 41 -17.36 -42.60 -5.31
C GLN B 41 -17.31 -43.25 -3.94
N GLN B 42 -18.40 -43.91 -3.55
CA GLN B 42 -18.44 -44.68 -2.31
C GLN B 42 -19.08 -46.05 -2.56
N ARG B 43 -18.32 -47.09 -2.26
CA ARG B 43 -18.80 -48.46 -2.34
C ARG B 43 -19.30 -48.90 -0.96
N PRO B 44 -20.19 -49.89 -0.92
CA PRO B 44 -20.83 -50.26 0.35
C PRO B 44 -19.80 -50.63 1.41
N GLY B 45 -19.95 -50.04 2.61
CA GLY B 45 -19.07 -50.36 3.70
C GLY B 45 -17.71 -49.71 3.63
N GLN B 46 -17.46 -48.87 2.64
CA GLN B 46 -16.19 -48.21 2.43
C GLN B 46 -16.32 -46.71 2.58
N PRO B 47 -15.23 -46.01 2.85
CA PRO B 47 -15.28 -44.56 2.92
C PRO B 47 -15.37 -43.95 1.53
N PRO B 48 -15.74 -42.67 1.42
CA PRO B 48 -15.72 -42.00 0.12
C PRO B 48 -14.33 -42.02 -0.51
N LYS B 49 -14.32 -42.15 -1.84
CA LYS B 49 -13.08 -42.17 -2.62
C LYS B 49 -13.17 -41.02 -3.61
N LEU B 50 -12.18 -40.13 -3.56
CA LEU B 50 -12.15 -38.98 -4.45
C LEU B 50 -11.97 -39.41 -5.90
N LEU B 51 -12.89 -39.00 -6.76
CA LEU B 51 -12.80 -39.25 -8.19
C LEU B 51 -12.34 -38.02 -8.95
N ILE B 52 -12.96 -36.88 -8.68
CA ILE B 52 -12.71 -35.65 -9.42
C ILE B 52 -12.44 -34.54 -8.42
N TYR B 53 -11.39 -33.75 -8.69
CA TYR B 53 -11.11 -32.58 -7.89
C TYR B 53 -11.09 -31.36 -8.80
N ALA B 54 -11.45 -30.21 -8.24
CA ALA B 54 -11.48 -28.94 -8.94
C ALA B 54 -12.25 -29.04 -10.26
N ALA B 55 -13.44 -29.64 -10.18
CA ALA B 55 -14.45 -29.70 -11.24
C ALA B 55 -14.09 -30.64 -12.39
N SER B 56 -12.84 -30.64 -12.84
CA SER B 56 -12.51 -31.32 -14.09
C SER B 56 -11.24 -32.16 -14.05
N ASN B 57 -10.61 -32.33 -12.88
CA ASN B 57 -9.33 -33.02 -12.79
C ASN B 57 -9.57 -34.43 -12.26
N ARG B 58 -9.13 -35.42 -13.03
CA ARG B 58 -9.19 -36.80 -12.57
C ARG B 58 -8.18 -37.05 -11.47
N GLY B 59 -8.61 -37.74 -10.42
CA GLY B 59 -7.69 -38.16 -9.40
C GLY B 59 -6.68 -39.16 -9.92
N SER B 60 -5.53 -39.23 -9.25
CA SER B 60 -4.49 -40.18 -9.62
C SER B 60 -5.04 -41.60 -9.57
N GLY B 61 -4.85 -42.36 -10.64
CA GLY B 61 -5.32 -43.72 -10.70
C GLY B 61 -6.78 -43.88 -11.03
N VAL B 62 -7.54 -42.80 -11.09
CA VAL B 62 -8.94 -42.88 -11.50
C VAL B 62 -9.02 -43.23 -12.97
N PRO B 63 -9.83 -44.23 -13.36
CA PRO B 63 -9.87 -44.66 -14.77
C PRO B 63 -10.31 -43.53 -15.69
N ALA B 64 -9.84 -43.61 -16.94
CA ALA B 64 -10.11 -42.57 -17.93
C ALA B 64 -11.59 -42.43 -18.26
N ARG B 65 -12.41 -43.46 -18.00
CA ARG B 65 -13.84 -43.32 -18.29
C ARG B 65 -14.54 -42.34 -17.37
N PHE B 66 -13.89 -41.91 -16.29
CA PHE B 66 -14.44 -40.88 -15.41
C PHE B 66 -13.96 -39.50 -15.88
N SER B 67 -14.89 -38.55 -15.95
CA SER B 67 -14.55 -37.18 -16.27
C SER B 67 -15.52 -36.24 -15.55
N GLY B 68 -15.08 -35.00 -15.37
CA GLY B 68 -15.89 -34.00 -14.74
C GLY B 68 -15.90 -32.73 -15.58
N SER B 69 -16.99 -31.98 -15.48
CA SER B 69 -17.10 -30.69 -16.14
C SER B 69 -18.04 -29.78 -15.36
N GLY B 70 -17.97 -28.50 -15.68
CA GLY B 70 -18.85 -27.50 -15.10
C GLY B 70 -18.09 -26.32 -14.53
N SER B 71 -18.85 -25.28 -14.21
CA SER B 71 -18.33 -24.07 -13.59
C SER B 71 -19.49 -23.29 -13.01
N GLY B 72 -19.17 -22.37 -12.10
CA GLY B 72 -20.18 -21.51 -11.51
C GLY B 72 -21.05 -22.26 -10.52
N THR B 73 -22.30 -22.53 -10.90
CA THR B 73 -23.23 -23.24 -10.05
C THR B 73 -23.67 -24.58 -10.61
N ASP B 74 -23.18 -25.00 -11.78
CA ASP B 74 -23.72 -26.15 -12.49
C ASP B 74 -22.58 -27.07 -12.90
N PHE B 75 -22.64 -28.32 -12.44
CA PHE B 75 -21.57 -29.29 -12.58
C PHE B 75 -22.17 -30.64 -12.95
N SER B 76 -21.37 -31.46 -13.64
CA SER B 76 -21.78 -32.83 -13.91
C SER B 76 -20.59 -33.77 -13.82
N LEU B 77 -20.87 -35.00 -13.38
CA LEU B 77 -19.93 -36.11 -13.43
C LEU B 77 -20.37 -37.07 -14.51
N ASN B 78 -19.46 -37.41 -15.41
CA ASN B 78 -19.76 -38.30 -16.53
C ASN B 78 -18.89 -39.53 -16.49
N ILE B 79 -19.49 -40.70 -16.66
CA ILE B 79 -18.77 -41.96 -16.68
C ILE B 79 -19.11 -42.61 -18.00
N HIS B 80 -18.14 -42.73 -18.90
CA HIS B 80 -18.52 -43.29 -20.18
C HIS B 80 -17.29 -43.90 -20.86
N PRO B 81 -17.34 -45.17 -21.28
CA PRO B 81 -18.51 -46.01 -21.01
C PRO B 81 -18.54 -46.50 -19.60
N MET B 82 -19.72 -46.45 -19.01
CA MET B 82 -19.91 -46.95 -17.67
C MET B 82 -19.60 -48.44 -17.65
N GLU B 83 -18.91 -48.87 -16.61
CA GLU B 83 -18.64 -50.29 -16.45
C GLU B 83 -19.37 -50.80 -15.23
N GLU B 84 -19.47 -52.13 -15.17
CA GLU B 84 -20.28 -52.77 -14.15
C GLU B 84 -19.76 -52.53 -12.74
N ASP B 85 -18.46 -52.37 -12.55
CA ASP B 85 -17.97 -52.13 -11.19
C ASP B 85 -18.11 -50.66 -10.78
N ASP B 86 -18.80 -49.86 -11.59
CA ASP B 86 -19.12 -48.47 -11.29
C ASP B 86 -20.40 -48.29 -10.47
N THR B 87 -21.14 -49.36 -10.19
CA THR B 87 -22.31 -49.22 -9.33
C THR B 87 -21.88 -48.84 -7.93
N ALA B 88 -22.46 -47.75 -7.42
CA ALA B 88 -22.01 -47.17 -6.17
C ALA B 88 -22.82 -45.94 -5.79
N MET B 89 -22.56 -45.37 -4.63
CA MET B 89 -23.05 -44.04 -4.36
C MET B 89 -22.02 -43.04 -4.88
N TYR B 90 -22.51 -41.91 -5.37
CA TYR B 90 -21.66 -40.82 -5.81
C TYR B 90 -22.11 -39.55 -5.13
N PHE B 91 -21.14 -38.72 -4.77
CA PHE B 91 -21.44 -37.45 -4.11
C PHE B 91 -20.70 -36.27 -4.70
N CYS B 92 -21.36 -35.10 -4.64
CA CYS B 92 -20.78 -33.80 -5.04
C CYS B 92 -20.50 -32.96 -3.79
N GLN B 93 -19.27 -32.47 -3.64
CA GLN B 93 -18.84 -31.76 -2.44
C GLN B 93 -18.18 -30.45 -2.82
N GLN B 94 -18.66 -29.35 -2.26
CA GLN B 94 -18.03 -28.07 -2.53
C GLN B 94 -16.92 -27.84 -1.53
N SER B 95 -15.76 -27.41 -2.03
CA SER B 95 -14.59 -27.12 -1.22
C SER B 95 -14.22 -25.64 -1.30
N LYS B 96 -15.20 -24.78 -1.60
CA LYS B 96 -14.93 -23.35 -1.72
C LYS B 96 -14.80 -22.67 -0.36
N GLU B 97 -15.72 -22.93 0.56
CA GLU B 97 -15.60 -22.33 1.89
C GLU B 97 -16.35 -23.18 2.92
N VAL B 98 -15.86 -23.11 4.15
CA VAL B 98 -16.53 -23.77 5.28
C VAL B 98 -17.83 -23.04 5.57
N PRO B 99 -18.93 -23.74 5.91
CA PRO B 99 -19.06 -25.18 6.14
C PRO B 99 -19.03 -26.01 4.86
N TRP B 100 -18.22 -27.06 4.86
CA TRP B 100 -18.15 -27.98 3.74
C TRP B 100 -19.47 -28.72 3.59
N THR B 101 -19.99 -28.77 2.36
CA THR B 101 -21.31 -29.34 2.12
C THR B 101 -21.24 -30.38 1.01
N PHE B 102 -22.19 -31.31 1.05
CA PHE B 102 -22.24 -32.47 0.16
C PHE B 102 -23.59 -32.49 -0.54
N GLY B 103 -23.59 -32.98 -1.78
CA GLY B 103 -24.85 -33.29 -2.43
C GLY B 103 -25.59 -34.42 -1.73
N GLY B 104 -26.86 -34.56 -2.08
CA GLY B 104 -27.67 -35.59 -1.46
C GLY B 104 -27.34 -37.00 -1.90
N GLY B 105 -26.53 -37.17 -2.91
CA GLY B 105 -26.10 -38.49 -3.31
C GLY B 105 -26.85 -39.01 -4.52
N THR B 106 -26.17 -39.81 -5.33
CA THR B 106 -26.77 -40.51 -6.45
C THR B 106 -26.41 -41.99 -6.35
N LYS B 107 -27.40 -42.86 -6.38
CA LYS B 107 -27.13 -44.29 -6.42
C LYS B 107 -27.09 -44.71 -7.87
N LEU B 108 -25.89 -45.04 -8.35
CA LEU B 108 -25.71 -45.46 -9.73
C LEU B 108 -25.77 -46.99 -9.79
N GLU B 109 -26.70 -47.49 -10.60
CA GLU B 109 -26.97 -48.91 -10.81
C GLU B 109 -26.92 -49.13 -12.32
N ILE B 110 -27.51 -50.22 -12.81
CA ILE B 110 -27.22 -50.74 -14.16
C ILE B 110 -28.19 -51.80 -14.65
N LYS B 111 -28.74 -51.57 -15.84
CA LYS B 111 -29.55 -52.56 -16.52
C LYS B 111 -28.61 -53.55 -17.20
N ARG B 112 -28.88 -54.83 -17.02
CA ARG B 112 -28.11 -55.88 -17.69
C ARG B 112 -29.09 -56.91 -18.25
N THR B 113 -28.54 -57.94 -18.87
CA THR B 113 -29.38 -58.99 -19.43
C THR B 113 -30.01 -59.81 -18.31
N VAL B 114 -31.08 -60.54 -18.67
CA VAL B 114 -31.76 -61.35 -17.68
C VAL B 114 -30.82 -62.43 -17.16
N ALA B 115 -30.89 -62.67 -15.85
CA ALA B 115 -30.14 -63.76 -15.23
C ALA B 115 -31.03 -64.43 -14.20
N ALA B 116 -31.20 -65.75 -14.33
CA ALA B 116 -32.04 -66.49 -13.40
C ALA B 116 -31.32 -66.70 -12.07
N PRO B 117 -32.05 -66.69 -10.97
CA PRO B 117 -31.44 -66.99 -9.66
C PRO B 117 -31.11 -68.46 -9.51
N SER B 118 -30.04 -68.73 -8.75
CA SER B 118 -29.87 -70.04 -8.13
C SER B 118 -30.59 -70.06 -6.80
N VAL B 119 -31.34 -71.13 -6.53
CA VAL B 119 -32.20 -71.19 -5.35
C VAL B 119 -31.67 -72.25 -4.40
N PHE B 120 -31.57 -71.91 -3.12
CA PHE B 120 -31.16 -72.83 -2.07
C PHE B 120 -32.10 -72.69 -0.88
N ILE B 121 -32.33 -73.80 -0.18
CA ILE B 121 -33.13 -73.76 1.03
C ILE B 121 -32.32 -74.33 2.19
N PHE B 122 -32.45 -73.71 3.36
CA PHE B 122 -31.74 -74.11 4.57
C PHE B 122 -32.74 -74.32 5.70
N PRO B 123 -32.84 -75.54 6.25
CA PRO B 123 -33.63 -75.76 7.46
C PRO B 123 -33.00 -75.06 8.65
N PRO B 124 -33.75 -74.84 9.72
CA PRO B 124 -33.13 -74.33 10.95
C PRO B 124 -32.12 -75.33 11.52
N SER B 125 -31.09 -74.78 12.14
CA SER B 125 -30.09 -75.60 12.80
C SER B 125 -30.65 -76.23 14.06
N ASP B 126 -30.12 -77.42 14.40
CA ASP B 126 -30.48 -78.05 15.67
C ASP B 126 -30.15 -77.13 16.84
N GLU B 127 -29.02 -76.41 16.74
CA GLU B 127 -28.64 -75.49 17.80
C GLU B 127 -29.69 -74.41 17.98
N GLN B 128 -30.23 -73.87 16.88
CA GLN B 128 -31.22 -72.82 17.02
C GLN B 128 -32.51 -73.44 17.54
N LEU B 129 -32.85 -74.63 17.04
CA LEU B 129 -34.08 -75.30 17.44
C LEU B 129 -34.17 -75.46 18.95
N LYS B 130 -33.06 -75.86 19.58
CA LYS B 130 -33.12 -76.07 21.03
C LYS B 130 -33.36 -74.75 21.77
N SER B 131 -33.03 -73.67 21.10
CA SER B 131 -33.21 -72.35 21.76
C SER B 131 -34.70 -72.03 21.87
N GLY B 132 -35.51 -72.58 20.98
CA GLY B 132 -36.95 -72.30 20.98
C GLY B 132 -37.50 -71.64 19.75
N THR B 133 -36.67 -71.28 18.77
CA THR B 133 -37.15 -70.66 17.53
C THR B 133 -36.56 -71.41 16.35
N ALA B 134 -37.25 -71.34 15.21
CA ALA B 134 -36.81 -71.96 13.98
C ALA B 134 -36.79 -70.90 12.88
N SER B 135 -35.63 -70.73 12.26
CA SER B 135 -35.48 -69.88 11.08
C SER B 135 -35.19 -70.75 9.87
N VAL B 136 -36.00 -70.62 8.83
CA VAL B 136 -35.82 -71.31 7.57
C VAL B 136 -35.42 -70.27 6.53
N VAL B 137 -34.37 -70.54 5.78
CA VAL B 137 -33.79 -69.51 4.91
C VAL B 137 -33.88 -69.98 3.46
N CYS B 138 -34.40 -69.12 2.59
CA CYS B 138 -34.38 -69.35 1.16
C CYS B 138 -33.50 -68.30 0.50
N LEU B 139 -32.51 -68.76 -0.27
CA LEU B 139 -31.52 -67.89 -0.90
C LEU B 139 -31.68 -67.89 -2.41
N LEU B 140 -31.71 -66.69 -3.00
CA LEU B 140 -31.70 -66.49 -4.45
C LEU B 140 -30.38 -65.81 -4.79
N ASN B 141 -29.52 -66.52 -5.52
CA ASN B 141 -28.16 -66.07 -5.78
C ASN B 141 -27.99 -65.64 -7.22
N ASN B 142 -27.45 -64.42 -7.39
CA ASN B 142 -26.87 -63.92 -8.64
C ASN B 142 -27.89 -63.87 -9.77
N PHE B 143 -28.91 -63.04 -9.58
CA PHE B 143 -30.02 -62.91 -10.52
C PHE B 143 -30.20 -61.45 -10.92
N TYR B 144 -30.93 -61.26 -12.02
CA TYR B 144 -31.26 -59.95 -12.54
C TYR B 144 -32.50 -60.12 -13.43
N PRO B 145 -33.50 -59.25 -13.33
CA PRO B 145 -33.58 -58.04 -12.51
C PRO B 145 -33.93 -58.30 -11.05
N ARG B 146 -34.05 -57.22 -10.26
CA ARG B 146 -34.22 -57.36 -8.83
C ARG B 146 -35.58 -57.94 -8.49
N GLU B 147 -36.58 -57.74 -9.35
CA GLU B 147 -37.93 -58.15 -9.03
C GLU B 147 -38.00 -59.67 -8.97
N ALA B 148 -38.58 -60.19 -7.89
CA ALA B 148 -38.73 -61.63 -7.69
C ALA B 148 -39.83 -61.86 -6.67
N LYS B 149 -40.54 -62.97 -6.83
CA LYS B 149 -41.56 -63.36 -5.86
C LYS B 149 -41.10 -64.60 -5.12
N VAL B 150 -41.06 -64.52 -3.79
CA VAL B 150 -40.61 -65.62 -2.96
C VAL B 150 -41.76 -65.96 -2.01
N GLN B 151 -42.31 -67.15 -2.16
CA GLN B 151 -43.50 -67.56 -1.43
C GLN B 151 -43.16 -68.76 -0.56
N TRP B 152 -43.44 -68.64 0.74
CA TRP B 152 -43.24 -69.75 1.65
C TRP B 152 -44.52 -70.56 1.75
N LYS B 153 -44.38 -71.89 1.78
CA LYS B 153 -45.50 -72.77 2.00
C LYS B 153 -45.09 -73.83 3.00
N VAL B 154 -45.98 -74.12 3.94
CA VAL B 154 -45.72 -75.07 5.01
C VAL B 154 -46.86 -76.08 4.96
N ASP B 155 -46.54 -77.32 4.59
CA ASP B 155 -47.53 -78.33 4.27
C ASP B 155 -48.63 -77.77 3.35
N ASN B 156 -48.20 -77.07 2.29
CA ASN B 156 -49.03 -76.46 1.25
C ASN B 156 -49.77 -75.22 1.72
N ALA B 157 -49.61 -74.80 2.97
CA ALA B 157 -50.26 -73.59 3.46
C ALA B 157 -49.41 -72.37 3.15
N LEU B 158 -49.96 -71.44 2.38
CA LEU B 158 -49.24 -70.23 1.99
C LEU B 158 -49.02 -69.37 3.23
N GLN B 159 -47.76 -69.08 3.53
CA GLN B 159 -47.42 -68.32 4.72
C GLN B 159 -47.48 -66.82 4.42
N SER B 160 -47.93 -66.05 5.40
CA SER B 160 -47.84 -64.60 5.32
C SER B 160 -47.69 -64.01 6.72
N GLY B 161 -46.87 -62.97 6.82
CA GLY B 161 -46.69 -62.23 8.05
C GLY B 161 -45.51 -62.68 8.89
N ASN B 162 -44.90 -63.81 8.56
CA ASN B 162 -43.85 -64.43 9.36
C ASN B 162 -42.54 -64.60 8.59
N SER B 163 -42.32 -63.81 7.55
CA SER B 163 -41.08 -63.87 6.78
C SER B 163 -40.58 -62.46 6.49
N GLN B 164 -39.27 -62.36 6.29
CA GLN B 164 -38.62 -61.09 6.00
C GLN B 164 -37.63 -61.27 4.87
N GLU B 165 -37.58 -60.29 3.95
CA GLU B 165 -36.66 -60.32 2.82
C GLU B 165 -35.55 -59.30 3.00
N SER B 166 -34.36 -59.66 2.48
CA SER B 166 -33.22 -58.75 2.43
C SER B 166 -32.51 -58.94 1.10
N VAL B 167 -32.01 -57.84 0.51
CA VAL B 167 -31.41 -57.84 -0.81
C VAL B 167 -30.04 -57.20 -0.76
N THR B 168 -29.09 -57.78 -1.47
CA THR B 168 -27.74 -57.23 -1.62
C THR B 168 -27.73 -56.02 -2.55
N GLU B 169 -26.57 -55.39 -2.52
CA GLU B 169 -26.25 -54.29 -3.44
C GLU B 169 -25.94 -54.95 -4.78
N GLN B 170 -26.12 -54.23 -5.89
CA GLN B 170 -25.80 -54.80 -7.19
C GLN B 170 -24.33 -55.21 -7.17
N ASP B 171 -24.04 -56.43 -7.62
CA ASP B 171 -22.67 -56.91 -7.53
C ASP B 171 -21.74 -56.13 -8.46
N SER B 172 -20.55 -55.82 -7.95
CA SER B 172 -19.61 -54.98 -8.69
C SER B 172 -19.03 -55.70 -9.89
N LYS B 173 -19.00 -57.03 -9.87
CA LYS B 173 -18.38 -57.85 -10.92
C LYS B 173 -19.38 -58.48 -11.87
N ASP B 174 -20.53 -58.95 -11.39
CA ASP B 174 -21.50 -59.56 -12.29
C ASP B 174 -22.82 -58.80 -12.40
N SER B 175 -22.97 -57.68 -11.70
CA SER B 175 -24.13 -56.78 -11.76
C SER B 175 -25.43 -57.47 -11.39
N THR B 176 -25.36 -58.60 -10.72
CA THR B 176 -26.53 -59.30 -10.22
C THR B 176 -26.84 -58.90 -8.77
N TYR B 177 -27.99 -59.36 -8.30
CA TYR B 177 -28.41 -59.19 -6.93
C TYR B 177 -28.48 -60.57 -6.30
N SER B 178 -28.41 -60.60 -4.97
CA SER B 178 -28.84 -61.78 -4.23
C SER B 178 -29.85 -61.37 -3.17
N LEU B 179 -30.61 -62.35 -2.71
CA LEU B 179 -31.73 -62.07 -1.82
C LEU B 179 -31.90 -63.24 -0.86
N SER B 180 -32.14 -62.92 0.41
CA SER B 180 -32.53 -63.91 1.40
C SER B 180 -33.96 -63.66 1.81
N SER B 181 -34.71 -64.74 2.02
CA SER B 181 -36.01 -64.70 2.66
C SER B 181 -35.96 -65.61 3.89
N THR B 182 -36.30 -65.07 5.04
CA THR B 182 -36.19 -65.81 6.29
C THR B 182 -37.57 -65.95 6.91
N LEU B 183 -37.99 -67.21 7.10
CA LEU B 183 -39.26 -67.54 7.73
C LEU B 183 -38.95 -67.86 9.20
N THR B 184 -39.61 -67.17 10.11
CA THR B 184 -39.40 -67.37 11.54
C THR B 184 -40.65 -67.97 12.17
N LEU B 185 -40.47 -69.09 12.86
CA LEU B 185 -41.54 -69.81 13.54
C LEU B 185 -41.10 -70.16 14.95
N SER B 186 -42.08 -70.36 15.83
CA SER B 186 -41.75 -70.94 17.12
C SER B 186 -41.33 -72.38 16.90
N LYS B 187 -40.48 -72.88 17.81
CA LYS B 187 -40.10 -74.28 17.78
C LYS B 187 -41.32 -75.20 17.69
N ALA B 188 -42.36 -74.93 18.48
CA ALA B 188 -43.55 -75.77 18.48
C ALA B 188 -44.24 -75.74 17.11
N ASP B 189 -44.37 -74.54 16.54
CA ASP B 189 -45.01 -74.43 15.23
C ASP B 189 -44.17 -75.15 14.18
N TYR B 190 -42.85 -75.03 14.26
CA TYR B 190 -42.00 -75.71 13.29
C TYR B 190 -42.17 -77.22 13.39
N GLU B 191 -42.22 -77.74 14.62
CA GLU B 191 -42.42 -79.18 14.81
C GLU B 191 -43.83 -79.65 14.45
N LYS B 192 -44.78 -78.73 14.26
CA LYS B 192 -46.13 -79.20 13.92
C LYS B 192 -46.22 -79.68 12.48
N HIS B 193 -45.32 -79.25 11.60
CA HIS B 193 -45.44 -79.48 10.17
C HIS B 193 -44.25 -80.26 9.63
N LYS B 194 -44.45 -80.86 8.46
CA LYS B 194 -43.44 -81.72 7.85
C LYS B 194 -42.70 -81.08 6.68
N VAL B 195 -43.42 -80.56 5.69
CA VAL B 195 -42.81 -80.12 4.43
C VAL B 195 -42.72 -78.60 4.41
N TYR B 196 -41.50 -78.10 4.23
CA TYR B 196 -41.23 -76.68 4.10
C TYR B 196 -40.77 -76.39 2.68
N ALA B 197 -41.43 -75.44 2.01
CA ALA B 197 -41.16 -75.18 0.60
C ALA B 197 -41.07 -73.68 0.30
N CYS B 198 -40.10 -73.33 -0.53
CA CYS B 198 -39.88 -71.99 -1.05
C CYS B 198 -40.10 -72.00 -2.56
N GLU B 199 -41.11 -71.26 -3.03
CA GLU B 199 -41.37 -71.11 -4.46
C GLU B 199 -40.92 -69.74 -4.95
N VAL B 200 -40.11 -69.72 -6.00
CA VAL B 200 -39.48 -68.52 -6.52
C VAL B 200 -39.96 -68.28 -7.95
N THR B 201 -40.51 -67.08 -8.20
CA THR B 201 -40.91 -66.64 -9.53
C THR B 201 -39.99 -65.50 -9.95
N HIS B 202 -39.43 -65.62 -11.16
CA HIS B 202 -38.49 -64.63 -11.67
C HIS B 202 -38.48 -64.67 -13.19
N GLN B 203 -38.29 -63.50 -13.80
CA GLN B 203 -38.31 -63.38 -15.25
C GLN B 203 -37.33 -64.32 -15.93
N GLY B 204 -36.22 -64.64 -15.28
CA GLY B 204 -35.26 -65.57 -15.85
C GLY B 204 -35.67 -67.02 -15.79
N LEU B 205 -36.72 -67.35 -15.07
CA LEU B 205 -37.17 -68.74 -14.94
C LEU B 205 -38.41 -68.95 -15.82
N SER B 206 -38.36 -69.98 -16.67
CA SER B 206 -39.52 -70.29 -17.50
C SER B 206 -40.66 -70.89 -16.69
N SER B 207 -40.38 -71.43 -15.51
CA SER B 207 -41.33 -72.05 -14.62
C SER B 207 -40.84 -71.79 -13.21
N PRO B 208 -41.66 -71.21 -12.34
CA PRO B 208 -41.23 -70.97 -10.96
C PRO B 208 -40.64 -72.21 -10.31
N VAL B 209 -39.59 -72.00 -9.51
CA VAL B 209 -38.80 -73.09 -8.95
C VAL B 209 -39.20 -73.27 -7.49
N THR B 210 -39.47 -74.52 -7.10
CA THR B 210 -39.68 -74.82 -5.68
C THR B 210 -38.51 -75.63 -5.13
N LYS B 211 -37.98 -75.17 -4.00
CA LYS B 211 -37.05 -75.95 -3.19
C LYS B 211 -37.75 -76.32 -1.90
N SER B 212 -37.64 -77.58 -1.48
CA SER B 212 -38.38 -78.00 -0.30
C SER B 212 -37.58 -79.04 0.46
N PHE B 213 -37.97 -79.25 1.71
CA PHE B 213 -37.43 -80.35 2.49
C PHE B 213 -38.49 -80.88 3.45
N ASN B 214 -38.32 -82.13 3.83
CA ASN B 214 -39.08 -82.72 4.93
C ASN B 214 -38.31 -82.49 6.22
N ARG B 215 -38.98 -81.92 7.22
CA ARG B 215 -38.36 -81.64 8.50
C ARG B 215 -37.63 -82.85 9.06
N GLY B 216 -36.36 -82.65 9.41
CA GLY B 216 -35.55 -83.66 10.05
C GLY B 216 -34.85 -84.66 9.15
N GLU B 217 -34.76 -84.39 7.85
CA GLU B 217 -34.38 -85.42 6.88
C GLU B 217 -32.97 -85.21 6.32
N CYS B 218 -32.10 -84.59 7.11
CA CYS B 218 -30.69 -84.43 6.75
C CYS B 218 -30.50 -83.74 5.41
N ASP C 1 27.40 37.15 3.74
CA ASP C 1 26.58 38.04 2.94
C ASP C 1 27.17 38.21 1.54
N ILE C 2 26.52 37.59 0.55
CA ILE C 2 26.91 37.74 -0.85
C ILE C 2 26.35 39.04 -1.39
N VAL C 3 27.26 39.93 -1.84
CA VAL C 3 26.87 41.24 -2.37
C VAL C 3 26.88 41.15 -3.89
N MET C 4 25.77 41.55 -4.51
CA MET C 4 25.62 41.58 -5.96
C MET C 4 25.77 43.00 -6.48
N THR C 5 26.61 43.18 -7.49
CA THR C 5 26.89 44.49 -8.08
C THR C 5 26.59 44.45 -9.57
N GLN C 6 25.76 45.37 -10.04
CA GLN C 6 25.41 45.47 -11.46
C GLN C 6 26.10 46.66 -12.09
N SER C 7 26.43 46.52 -13.38
CA SER C 7 27.01 47.62 -14.14
C SER C 7 26.52 47.59 -15.58
N PRO C 8 26.36 48.78 -16.21
CA PRO C 8 26.52 50.09 -15.57
C PRO C 8 25.29 50.49 -14.76
N ALA C 9 25.33 51.62 -14.05
CA ALA C 9 24.14 52.06 -13.33
C ALA C 9 23.03 52.45 -14.28
N THR C 10 23.35 53.21 -15.32
CA THR C 10 22.42 53.55 -16.39
C THR C 10 23.06 53.20 -17.73
N LEU C 11 22.29 52.56 -18.60
CA LEU C 11 22.75 52.26 -19.96
C LEU C 11 21.83 52.92 -20.97
N SER C 12 22.41 53.76 -21.83
CA SER C 12 21.67 54.46 -22.87
C SER C 12 21.96 53.78 -24.21
N VAL C 13 20.94 53.18 -24.83
CA VAL C 13 21.11 52.45 -26.07
C VAL C 13 20.07 52.91 -27.07
N SER C 14 20.49 53.15 -28.30
CA SER C 14 19.58 53.56 -29.35
C SER C 14 18.63 52.41 -29.69
N PRO C 15 17.36 52.70 -29.96
CA PRO C 15 16.39 51.63 -30.26
C PRO C 15 16.89 50.72 -31.38
N GLY C 16 16.64 49.42 -31.22
CA GLY C 16 16.94 48.44 -32.23
C GLY C 16 18.34 47.87 -32.17
N GLU C 17 19.17 48.32 -31.22
CA GLU C 17 20.55 47.87 -31.08
C GLU C 17 20.70 46.94 -29.88
N ARG C 18 21.90 46.38 -29.75
CA ARG C 18 22.18 45.39 -28.72
C ARG C 18 22.48 46.06 -27.39
N ALA C 19 22.08 45.41 -26.30
CA ALA C 19 22.38 45.88 -24.95
C ALA C 19 23.02 44.76 -24.15
N THR C 20 24.09 45.08 -23.43
CA THR C 20 24.79 44.10 -22.60
C THR C 20 24.92 44.62 -21.17
N LEU C 21 24.31 43.90 -20.22
CA LEU C 21 24.31 44.26 -18.81
C LEU C 21 25.14 43.24 -18.04
N SER C 22 25.95 43.72 -17.09
CA SER C 22 26.86 42.86 -16.34
C SER C 22 26.43 42.77 -14.88
N CYS C 23 26.55 41.56 -14.31
CA CYS C 23 26.27 41.31 -12.90
C CYS C 23 27.44 40.54 -12.32
N ARG C 24 27.94 41.02 -11.17
CA ARG C 24 29.07 40.42 -10.50
C ARG C 24 28.69 40.04 -9.08
N ALA C 25 29.16 38.88 -8.63
CA ALA C 25 28.97 38.42 -7.28
C ALA C 25 30.28 38.50 -6.50
N SER C 26 30.16 38.71 -5.19
CA SER C 26 31.33 38.86 -4.33
C SER C 26 32.03 37.53 -4.09
N GLU C 27 31.34 36.42 -4.35
CA GLU C 27 31.92 35.08 -4.30
C GLU C 27 31.16 34.22 -5.30
N SER C 28 31.64 33.00 -5.51
CA SER C 28 31.04 32.14 -6.51
C SER C 28 29.61 31.78 -6.09
N VAL C 29 28.69 31.86 -7.06
CA VAL C 29 27.31 31.44 -6.84
C VAL C 29 26.90 30.36 -7.84
N SER C 30 27.88 29.69 -8.46
CA SER C 30 27.65 28.71 -9.51
C SER C 30 26.76 29.27 -10.62
N SER C 31 25.59 28.65 -10.81
CA SER C 31 24.63 29.09 -11.83
C SER C 31 23.29 29.50 -11.22
N ASP C 32 23.22 29.68 -9.91
CA ASP C 32 21.98 30.09 -9.23
C ASP C 32 21.82 31.60 -9.32
N LEU C 33 21.44 32.05 -10.51
CA LEU C 33 21.43 33.47 -10.84
C LEU C 33 20.25 33.73 -11.76
N ALA C 34 19.44 34.72 -11.40
CA ALA C 34 18.23 35.04 -12.16
C ALA C 34 18.24 36.51 -12.57
N TRP C 35 17.58 36.81 -13.68
CA TRP C 35 17.41 38.18 -14.15
C TRP C 35 15.93 38.52 -14.22
N TYR C 36 15.59 39.71 -13.74
CA TYR C 36 14.24 40.25 -13.72
C TYR C 36 14.16 41.60 -14.43
N GLN C 37 12.99 41.88 -14.99
CA GLN C 37 12.65 43.17 -15.59
C GLN C 37 11.57 43.84 -14.76
N GLN C 38 11.73 45.14 -14.49
CA GLN C 38 10.73 45.92 -13.78
C GLN C 38 10.53 47.26 -14.47
N LYS C 39 9.29 47.56 -14.82
CA LYS C 39 8.87 48.84 -15.37
C LYS C 39 8.24 49.70 -14.28
N PRO C 40 8.33 51.02 -14.39
CA PRO C 40 7.84 51.88 -13.30
C PRO C 40 6.39 51.56 -12.94
N GLY C 41 6.14 51.36 -11.64
CA GLY C 41 4.80 51.17 -11.17
C GLY C 41 4.30 49.75 -11.28
N GLN C 42 5.14 48.81 -11.70
CA GLN C 42 4.76 47.42 -11.90
C GLN C 42 5.63 46.51 -11.04
N ALA C 43 5.16 45.29 -10.87
CA ALA C 43 5.95 44.26 -10.21
C ALA C 43 7.07 43.80 -11.14
N PRO C 44 8.18 43.31 -10.58
CA PRO C 44 9.21 42.70 -11.42
C PRO C 44 8.68 41.51 -12.20
N ARG C 45 9.39 41.20 -13.29
CA ARG C 45 9.03 40.10 -14.19
C ARG C 45 10.25 39.22 -14.37
N LEU C 46 10.09 37.92 -14.12
CA LEU C 46 11.20 37.00 -14.29
C LEU C 46 11.53 36.83 -15.77
N LEU C 47 12.80 37.02 -16.10
CA LEU C 47 13.32 36.86 -17.45
C LEU C 47 14.18 35.62 -17.59
N ILE C 48 15.16 35.46 -16.70
CA ILE C 48 16.15 34.38 -16.79
C ILE C 48 16.28 33.72 -15.44
N TYR C 49 16.44 32.41 -15.42
CA TYR C 49 16.80 31.68 -14.22
C TYR C 49 17.84 30.64 -14.59
N GLY C 50 18.54 30.14 -13.58
CA GLY C 50 19.61 29.19 -13.83
C GLY C 50 20.72 29.76 -14.68
N ALA C 51 20.95 31.07 -14.60
CA ALA C 51 21.98 31.81 -15.33
C ALA C 51 21.66 31.98 -16.81
N SER C 52 21.08 30.95 -17.44
CA SER C 52 20.89 30.98 -18.88
C SER C 52 19.56 30.44 -19.39
N THR C 53 18.64 30.01 -18.50
CA THR C 53 17.37 29.46 -18.94
C THR C 53 16.30 30.56 -18.98
N ARG C 54 15.73 30.78 -20.16
CA ARG C 54 14.65 31.75 -20.30
C ARG C 54 13.35 31.26 -19.68
N ALA C 55 12.73 32.11 -18.88
CA ALA C 55 11.42 31.79 -18.33
C ALA C 55 10.37 31.81 -19.45
N THR C 56 9.24 31.18 -19.17
CA THR C 56 8.15 31.13 -20.16
C THR C 56 7.67 32.54 -20.49
N GLY C 57 7.36 32.77 -21.77
CA GLY C 57 6.88 34.06 -22.20
C GLY C 57 7.95 35.10 -22.48
N VAL C 58 9.22 34.76 -22.34
CA VAL C 58 10.33 35.68 -22.57
C VAL C 58 10.82 35.52 -23.98
N PRO C 59 10.85 36.57 -24.80
CA PRO C 59 11.29 36.46 -26.19
C PRO C 59 12.74 35.98 -26.29
N ALA C 60 13.06 35.36 -27.44
CA ALA C 60 14.38 34.80 -27.66
C ALA C 60 15.48 35.86 -27.72
N ARG C 61 15.13 37.13 -27.91
CA ARG C 61 16.12 38.19 -27.98
C ARG C 61 16.79 38.45 -26.64
N PHE C 62 16.22 37.95 -25.55
CA PHE C 62 16.86 37.97 -24.24
C PHE C 62 17.69 36.70 -24.09
N SER C 63 18.95 36.85 -23.69
CA SER C 63 19.78 35.68 -23.42
C SER C 63 20.74 35.96 -22.27
N GLY C 64 20.87 34.98 -21.38
CA GLY C 64 21.77 35.08 -20.24
C GLY C 64 22.96 34.16 -20.42
N SER C 65 24.09 34.58 -19.87
CA SER C 65 25.34 33.82 -19.89
C SER C 65 26.13 34.12 -18.62
N GLY C 66 27.19 33.37 -18.41
CA GLY C 66 28.04 33.55 -17.26
C GLY C 66 27.92 32.41 -16.25
N SER C 67 28.84 32.44 -15.29
CA SER C 67 28.87 31.46 -14.21
C SER C 67 29.84 31.93 -13.13
N GLY C 68 29.74 31.27 -11.98
CA GLY C 68 30.63 31.63 -10.90
C GLY C 68 30.16 32.89 -10.23
N ALA C 69 30.88 33.96 -10.58
CA ALA C 69 30.70 35.28 -9.99
C ALA C 69 30.51 36.31 -11.09
N GLU C 70 30.37 35.90 -12.35
CA GLU C 70 30.18 36.89 -13.39
C GLU C 70 29.16 36.43 -14.43
N PHE C 71 28.18 37.30 -14.68
CA PHE C 71 27.03 36.95 -15.51
C PHE C 71 26.76 38.12 -16.44
N THR C 72 26.11 37.81 -17.55
CA THR C 72 25.80 38.78 -18.58
C THR C 72 24.40 38.55 -19.09
N LEU C 73 23.65 39.64 -19.26
CA LEU C 73 22.38 39.65 -19.94
C LEU C 73 22.53 40.41 -21.25
N THR C 74 22.23 39.75 -22.36
CA THR C 74 22.28 40.37 -23.67
C THR C 74 20.89 40.43 -24.28
N ILE C 75 20.53 41.60 -24.77
CA ILE C 75 19.31 41.80 -25.55
C ILE C 75 19.71 42.19 -26.97
N SER C 76 19.45 41.29 -27.92
CA SER C 76 20.03 41.40 -29.26
C SER C 76 19.47 42.56 -30.06
N SER C 77 18.25 43.01 -29.75
CA SER C 77 17.64 44.12 -30.50
C SER C 77 16.55 44.74 -29.63
N LEU C 78 16.86 45.89 -29.04
CA LEU C 78 15.97 46.52 -28.06
C LEU C 78 14.67 46.99 -28.71
N GLN C 79 13.56 46.47 -28.23
CA GLN C 79 12.24 46.94 -28.62
C GLN C 79 11.76 47.99 -27.62
N SER C 80 10.78 48.78 -28.05
CA SER C 80 10.22 49.84 -27.21
C SER C 80 9.87 49.35 -25.81
N GLU C 81 9.40 48.10 -25.71
CA GLU C 81 8.95 47.57 -24.43
C GLU C 81 10.10 47.00 -23.59
N ASP C 82 11.32 46.97 -24.12
CA ASP C 82 12.46 46.45 -23.38
C ASP C 82 13.15 47.49 -22.51
N PHE C 83 12.81 48.76 -22.64
CA PHE C 83 13.42 49.82 -21.84
C PHE C 83 12.75 49.85 -20.46
N ALA C 84 13.52 49.52 -19.43
CA ALA C 84 13.04 49.29 -18.07
C ALA C 84 14.26 49.16 -17.17
N VAL C 85 14.03 48.80 -15.91
CA VAL C 85 15.10 48.52 -14.96
C VAL C 85 15.29 47.01 -14.88
N TYR C 86 16.54 46.56 -14.83
CA TYR C 86 16.86 45.14 -14.81
C TYR C 86 17.64 44.80 -13.54
N TYR C 87 17.23 43.74 -12.86
CA TYR C 87 17.87 43.30 -11.63
C TYR C 87 18.40 41.88 -11.76
N CYS C 88 19.57 41.62 -11.18
CA CYS C 88 20.02 40.25 -11.02
C CYS C 88 19.80 39.80 -9.58
N GLN C 89 19.63 38.49 -9.40
CA GLN C 89 19.37 37.92 -8.08
C GLN C 89 20.15 36.63 -7.87
N GLN C 90 20.84 36.55 -6.73
CA GLN C 90 21.59 35.39 -6.32
C GLN C 90 20.75 34.55 -5.36
N TYR C 91 20.66 33.25 -5.62
CA TYR C 91 19.97 32.33 -4.71
C TYR C 91 20.77 31.04 -4.50
N ASN C 92 22.09 31.17 -4.33
CA ASN C 92 22.95 29.99 -4.23
C ASN C 92 23.14 29.47 -2.82
N ASN C 93 23.11 30.35 -1.81
CA ASN C 93 23.45 29.98 -0.45
C ASN C 93 22.33 29.19 0.24
N TRP C 94 22.73 28.44 1.28
CA TRP C 94 21.82 27.73 2.18
C TRP C 94 22.48 27.65 3.56
N PRO C 95 21.81 28.10 4.64
CA PRO C 95 20.45 28.67 4.70
C PRO C 95 20.26 29.87 3.76
N PRO C 96 19.03 30.07 3.28
CA PRO C 96 18.83 31.09 2.24
C PRO C 96 19.00 32.49 2.78
N ARG C 97 19.88 33.25 2.12
CA ARG C 97 20.08 34.67 2.37
C ARG C 97 20.27 35.32 1.00
N TYR C 98 19.20 35.31 0.23
CA TYR C 98 19.20 35.75 -1.16
C TYR C 98 19.34 37.27 -1.23
N THR C 99 20.03 37.74 -2.27
CA THR C 99 20.31 39.16 -2.40
C THR C 99 20.13 39.58 -3.85
N PHE C 100 19.82 40.87 -4.03
CA PHE C 100 19.59 41.46 -5.34
C PHE C 100 20.69 42.45 -5.68
N GLY C 101 20.97 42.59 -6.97
CA GLY C 101 21.77 43.69 -7.44
C GLY C 101 21.02 45.01 -7.33
N GLN C 102 21.76 46.11 -7.43
CA GLN C 102 21.13 47.41 -7.25
C GLN C 102 20.46 47.93 -8.51
N GLY C 103 20.46 47.17 -9.60
CA GLY C 103 19.72 47.54 -10.79
C GLY C 103 20.54 48.28 -11.82
N THR C 104 20.20 48.07 -13.09
CA THR C 104 20.70 48.83 -14.21
C THR C 104 19.51 49.45 -14.93
N ARG C 105 19.47 50.77 -15.02
CA ARG C 105 18.40 51.45 -15.74
C ARG C 105 18.74 51.52 -17.23
N LEU C 106 17.93 50.86 -18.06
CA LEU C 106 18.11 50.84 -19.50
C LEU C 106 17.16 51.87 -20.10
N GLU C 107 17.73 52.99 -20.57
CA GLU C 107 16.92 54.11 -21.12
C GLU C 107 17.11 54.20 -22.64
N ILE C 108 16.33 55.06 -23.29
CA ILE C 108 16.39 55.26 -24.72
C ILE C 108 17.43 56.34 -25.03
N LYS C 109 18.39 56.01 -25.89
CA LYS C 109 19.37 56.97 -26.35
C LYS C 109 18.81 57.72 -27.55
N ARG C 110 18.65 59.02 -27.42
CA ARG C 110 18.20 59.90 -28.48
C ARG C 110 19.19 61.06 -28.59
N THR C 111 18.93 61.95 -29.55
CA THR C 111 19.77 63.12 -29.72
C THR C 111 19.59 64.07 -28.54
N VAL C 112 20.60 64.94 -28.37
CA VAL C 112 20.57 65.91 -27.28
C VAL C 112 19.36 66.80 -27.46
N ALA C 113 18.69 67.13 -26.36
CA ALA C 113 17.56 68.05 -26.41
C ALA C 113 17.62 69.02 -25.24
N ALA C 114 17.68 70.31 -25.56
CA ALA C 114 17.71 71.36 -24.55
C ALA C 114 16.36 71.48 -23.84
N PRO C 115 16.36 71.78 -22.54
CA PRO C 115 15.09 72.00 -21.83
C PRO C 115 14.43 73.31 -22.22
N SER C 116 13.10 73.31 -22.16
CA SER C 116 12.36 74.57 -22.16
C SER C 116 12.15 74.98 -20.71
N VAL C 117 12.57 76.20 -20.35
CA VAL C 117 12.59 76.62 -18.95
C VAL C 117 11.46 77.62 -18.70
N PHE C 118 10.68 77.34 -17.66
CA PHE C 118 9.57 78.18 -17.23
C PHE C 118 9.71 78.44 -15.73
N ILE C 119 9.33 79.63 -15.27
CA ILE C 119 9.31 79.92 -13.83
C ILE C 119 7.90 80.32 -13.41
N PHE C 120 7.49 79.85 -12.23
CA PHE C 120 6.18 80.12 -11.66
C PHE C 120 6.34 80.75 -10.28
N PRO C 121 5.88 81.99 -10.09
CA PRO C 121 5.87 82.58 -8.74
C PRO C 121 4.79 81.95 -7.88
N PRO C 122 4.86 82.11 -6.56
CA PRO C 122 3.80 81.58 -5.70
C PRO C 122 2.45 82.25 -6.00
N SER C 123 1.39 81.49 -5.75
CA SER C 123 0.03 82.00 -5.95
C SER C 123 -0.40 82.87 -4.78
N ASP C 124 -1.30 83.82 -5.05
CA ASP C 124 -1.82 84.69 -3.99
C ASP C 124 -2.46 83.88 -2.88
N GLU C 125 -3.13 82.78 -3.22
CA GLU C 125 -3.77 81.96 -2.20
C GLU C 125 -2.74 81.37 -1.23
N GLN C 126 -1.65 80.83 -1.77
CA GLN C 126 -0.61 80.28 -0.90
C GLN C 126 0.09 81.37 -0.10
N LEU C 127 0.36 82.53 -0.71
CA LEU C 127 0.94 83.63 0.06
C LEU C 127 0.03 83.98 1.23
N LYS C 128 -1.29 83.93 1.01
CA LYS C 128 -2.23 84.18 2.10
C LYS C 128 -2.18 83.05 3.12
N SER C 129 -1.83 81.83 2.68
CA SER C 129 -1.71 80.71 3.59
C SER C 129 -0.42 80.74 4.41
N GLY C 130 0.51 81.62 4.08
CA GLY C 130 1.71 81.85 4.86
C GLY C 130 3.01 81.25 4.36
N THR C 131 3.05 80.70 3.14
CA THR C 131 4.27 80.12 2.61
C THR C 131 4.39 80.49 1.13
N ALA C 132 5.62 80.43 0.61
CA ALA C 132 5.88 80.81 -0.78
C ALA C 132 6.68 79.70 -1.46
N SER C 133 6.05 79.05 -2.44
CA SER C 133 6.69 78.08 -3.29
C SER C 133 6.92 78.67 -4.69
N VAL C 134 8.18 78.67 -5.14
CA VAL C 134 8.55 79.10 -6.48
C VAL C 134 8.96 77.86 -7.26
N VAL C 135 8.36 77.66 -8.44
CA VAL C 135 8.59 76.43 -9.20
C VAL C 135 9.31 76.72 -10.51
N CYS C 136 10.43 76.05 -10.75
CA CYS C 136 11.15 76.12 -12.01
C CYS C 136 10.94 74.81 -12.75
N LEU C 137 10.46 74.90 -13.99
CA LEU C 137 10.16 73.74 -14.83
C LEU C 137 11.14 73.66 -16.00
N LEU C 138 11.78 72.49 -16.13
CA LEU C 138 12.62 72.16 -17.28
C LEU C 138 11.83 71.12 -18.07
N ASN C 139 11.35 71.48 -19.24
CA ASN C 139 10.42 70.62 -19.97
C ASN C 139 11.05 69.99 -21.20
N ASN C 140 10.89 68.67 -21.32
CA ASN C 140 11.21 67.90 -22.51
C ASN C 140 12.67 68.05 -22.95
N PHE C 141 13.58 67.61 -22.10
CA PHE C 141 15.00 67.70 -22.40
C PHE C 141 15.62 66.31 -22.41
N TYR C 142 16.80 66.23 -23.03
CA TYR C 142 17.63 65.04 -23.06
C TYR C 142 19.08 65.48 -23.21
N PRO C 143 20.03 64.88 -22.47
CA PRO C 143 19.86 63.78 -21.52
C PRO C 143 19.33 64.18 -20.16
N ARG C 144 19.19 63.17 -19.29
CA ARG C 144 18.58 63.37 -17.98
C ARG C 144 19.39 64.32 -17.11
N GLU C 145 20.71 64.32 -17.28
CA GLU C 145 21.60 65.15 -16.48
C GLU C 145 21.32 66.63 -16.71
N ALA C 146 21.01 67.35 -15.62
CA ALA C 146 20.71 68.77 -15.68
C ALA C 146 21.04 69.40 -14.33
N LYS C 147 21.50 70.64 -14.36
CA LYS C 147 21.81 71.39 -13.14
C LYS C 147 20.86 72.57 -13.01
N VAL C 148 20.24 72.72 -11.85
CA VAL C 148 19.33 73.83 -11.57
C VAL C 148 19.80 74.53 -10.30
N GLN C 149 20.02 75.84 -10.39
CA GLN C 149 20.43 76.65 -9.25
C GLN C 149 19.42 77.77 -9.02
N TRP C 150 19.12 78.03 -7.75
CA TRP C 150 18.26 79.14 -7.36
C TRP C 150 19.10 80.32 -6.89
N LYS C 151 18.80 81.51 -7.41
CA LYS C 151 19.42 82.75 -6.94
C LYS C 151 18.31 83.71 -6.52
N VAL C 152 18.43 84.23 -5.31
CA VAL C 152 17.48 85.20 -4.77
C VAL C 152 18.25 86.48 -4.47
N ASP C 153 18.08 87.50 -5.32
CA ASP C 153 18.83 88.75 -5.25
C ASP C 153 20.33 88.54 -5.49
N ASN C 154 20.66 87.65 -6.42
CA ASN C 154 22.03 87.27 -6.82
C ASN C 154 22.66 86.32 -5.80
N ALA C 155 22.00 86.03 -4.69
CA ALA C 155 22.54 85.15 -3.65
C ALA C 155 22.19 83.70 -3.97
N LEU C 156 23.22 82.87 -4.15
CA LEU C 156 23.04 81.46 -4.46
C LEU C 156 22.42 80.72 -3.28
N GLN C 157 21.31 80.03 -3.53
CA GLN C 157 20.53 79.36 -2.49
C GLN C 157 20.96 77.90 -2.38
N SER C 158 20.95 77.38 -1.16
CA SER C 158 21.20 75.96 -0.94
C SER C 158 20.42 75.45 0.27
N GLY C 159 19.87 74.25 0.14
CA GLY C 159 19.19 73.58 1.23
C GLY C 159 17.72 73.90 1.39
N ASN C 160 17.15 74.71 0.49
CA ASN C 160 15.75 75.11 0.59
C ASN C 160 14.96 74.80 -0.69
N SER C 161 15.44 73.88 -1.51
CA SER C 161 14.74 73.47 -2.73
C SER C 161 14.72 71.95 -2.83
N GLN C 162 13.76 71.45 -3.61
CA GLN C 162 13.66 70.02 -3.88
C GLN C 162 13.34 69.78 -5.36
N GLU C 163 13.96 68.74 -5.92
CA GLU C 163 13.77 68.40 -7.33
C GLU C 163 12.98 67.11 -7.48
N SER C 164 12.25 67.02 -8.58
CA SER C 164 11.56 65.80 -9.00
C SER C 164 11.74 65.65 -10.51
N VAL C 165 11.82 64.41 -10.98
CA VAL C 165 12.03 64.14 -12.39
C VAL C 165 11.08 63.04 -12.85
N THR C 166 10.52 63.24 -14.04
CA THR C 166 9.59 62.28 -14.64
C THR C 166 10.33 61.07 -15.19
N GLU C 167 9.57 60.01 -15.46
CA GLU C 167 10.07 58.89 -16.25
C GLU C 167 10.30 59.35 -17.68
N GLN C 168 11.19 58.65 -18.40
CA GLN C 168 11.43 58.99 -19.79
C GLN C 168 10.14 58.93 -20.57
N ASP C 169 9.88 59.99 -21.34
CA ASP C 169 8.63 60.10 -22.09
C ASP C 169 8.54 59.00 -23.14
N SER C 170 7.38 58.37 -23.23
CA SER C 170 7.19 57.22 -24.11
C SER C 170 7.06 57.61 -25.57
N LYS C 171 6.86 58.89 -25.87
CA LYS C 171 6.64 59.36 -27.24
C LYS C 171 7.90 59.97 -27.85
N ASP C 172 8.57 60.86 -27.13
CA ASP C 172 9.73 61.57 -27.66
C ASP C 172 11.03 61.28 -26.91
N SER C 173 11.01 60.41 -25.91
CA SER C 173 12.20 59.94 -25.20
C SER C 173 12.88 61.05 -24.41
N THR C 174 12.17 62.13 -24.11
CA THR C 174 12.73 63.22 -23.31
C THR C 174 12.34 63.06 -21.84
N TYR C 175 12.99 63.87 -21.01
CA TYR C 175 12.69 63.97 -19.58
C TYR C 175 12.18 65.36 -19.24
N SER C 176 11.50 65.46 -18.11
CA SER C 176 11.12 66.74 -17.53
C SER C 176 11.51 66.77 -16.07
N LEU C 177 11.71 67.97 -15.55
CA LEU C 177 12.19 68.16 -14.18
C LEU C 177 11.52 69.37 -13.56
N SER C 178 11.18 69.26 -12.28
CA SER C 178 10.70 70.38 -11.49
C SER C 178 11.66 70.64 -10.34
N SER C 179 11.87 71.92 -10.04
CA SER C 179 12.58 72.33 -8.83
C SER C 179 11.70 73.30 -8.06
N THR C 180 11.42 72.99 -6.80
CA THR C 180 10.53 73.80 -5.98
C THR C 180 11.29 74.40 -4.82
N LEU C 181 11.31 75.73 -4.75
CA LEU C 181 11.93 76.49 -3.67
C LEU C 181 10.82 76.88 -2.70
N THR C 182 10.97 76.55 -1.42
CA THR C 182 9.97 76.90 -0.42
C THR C 182 10.59 77.78 0.66
N LEU C 183 9.95 78.91 0.93
CA LEU C 183 10.33 79.75 2.06
C LEU C 183 9.09 80.31 2.76
N SER C 184 9.28 80.77 3.98
CA SER C 184 8.19 81.45 4.68
C SER C 184 7.83 82.74 3.95
N LYS C 185 6.62 83.23 4.21
CA LYS C 185 6.16 84.49 3.60
C LYS C 185 7.06 85.66 3.95
N ALA C 186 7.58 85.71 5.18
CA ALA C 186 8.43 86.83 5.58
C ALA C 186 9.72 86.85 4.78
N ASP C 187 10.31 85.67 4.56
CA ASP C 187 11.54 85.61 3.77
C ASP C 187 11.24 85.89 2.31
N TYR C 188 10.12 85.35 1.81
CA TYR C 188 9.74 85.64 0.43
C TYR C 188 9.61 87.15 0.23
N GLU C 189 9.00 87.85 1.18
CA GLU C 189 8.81 89.29 1.06
C GLU C 189 10.03 90.07 1.51
N LYS C 190 11.14 89.39 1.81
CA LYS C 190 12.37 90.05 2.21
C LYS C 190 13.33 90.24 1.06
N HIS C 191 12.99 89.74 -0.13
CA HIS C 191 13.83 89.83 -1.31
C HIS C 191 13.00 90.18 -2.54
N LYS C 192 13.68 90.52 -3.64
CA LYS C 192 13.03 91.08 -4.82
C LYS C 192 13.04 90.15 -6.02
N VAL C 193 14.20 89.90 -6.64
CA VAL C 193 14.28 89.10 -7.86
C VAL C 193 14.56 87.64 -7.53
N TYR C 194 13.72 86.75 -8.08
CA TYR C 194 13.84 85.31 -7.91
C TYR C 194 14.14 84.68 -9.26
N ALA C 195 15.27 83.98 -9.37
CA ALA C 195 15.76 83.45 -10.63
C ALA C 195 16.20 82.00 -10.49
N CYS C 196 15.83 81.17 -11.47
CA CYS C 196 16.40 79.84 -11.59
C CYS C 196 17.29 79.77 -12.84
N GLU C 197 18.50 79.24 -12.65
CA GLU C 197 19.53 79.12 -13.66
C GLU C 197 19.71 77.65 -14.02
N VAL C 198 19.58 77.33 -15.30
CA VAL C 198 19.59 75.97 -15.82
C VAL C 198 20.85 75.76 -16.64
N THR C 199 21.59 74.70 -16.31
CA THR C 199 22.75 74.26 -17.07
C THR C 199 22.44 72.90 -17.65
N HIS C 200 22.71 72.71 -18.93
CA HIS C 200 22.39 71.48 -19.62
C HIS C 200 23.20 71.39 -20.90
N GLN C 201 23.50 70.16 -21.32
CA GLN C 201 24.32 69.95 -22.50
C GLN C 201 23.73 70.62 -23.74
N GLY C 202 22.41 70.75 -23.79
CA GLY C 202 21.71 71.34 -24.92
C GLY C 202 21.78 72.84 -24.99
N LEU C 203 22.28 73.49 -23.95
CA LEU C 203 22.34 74.95 -23.87
C LEU C 203 23.78 75.41 -24.03
N SER C 204 23.99 76.37 -24.94
CA SER C 204 25.32 76.91 -25.15
C SER C 204 25.83 77.60 -23.89
N SER C 205 24.94 78.32 -23.20
CA SER C 205 25.23 79.01 -21.96
C SER C 205 24.06 78.79 -21.01
N PRO C 206 24.31 78.87 -19.70
CA PRO C 206 23.20 78.72 -18.74
C PRO C 206 22.02 79.63 -19.08
N VAL C 207 20.81 79.09 -18.94
CA VAL C 207 19.59 79.84 -19.19
C VAL C 207 19.04 80.29 -17.84
N THR C 208 18.76 81.57 -17.71
CA THR C 208 18.20 82.12 -16.48
C THR C 208 16.77 82.63 -16.73
N LYS C 209 15.84 82.19 -15.89
CA LYS C 209 14.48 82.72 -15.89
C LYS C 209 14.23 83.35 -14.53
N SER C 210 13.58 84.50 -14.50
CA SER C 210 13.40 85.20 -13.24
C SER C 210 12.12 86.03 -13.25
N PHE C 211 11.74 86.47 -12.05
CA PHE C 211 10.65 87.41 -11.88
C PHE C 211 10.96 88.33 -10.71
N ASN C 212 10.40 89.54 -10.76
CA ASN C 212 10.47 90.49 -9.67
C ASN C 212 9.21 90.37 -8.83
N ARG C 213 9.37 90.05 -7.55
CA ARG C 213 8.24 89.97 -6.62
C ARG C 213 7.43 91.25 -6.61
N GLY C 214 6.12 91.12 -6.82
CA GLY C 214 5.24 92.27 -6.83
C GLY C 214 5.12 92.94 -8.19
N GLU D 1 0.04 27.79 -13.48
CA GLU D 1 0.59 28.99 -12.88
C GLU D 1 -0.34 29.50 -11.78
N VAL D 2 0.16 30.41 -10.94
CA VAL D 2 -0.59 30.93 -9.80
C VAL D 2 -0.66 32.46 -9.88
N GLN D 3 -1.83 33.00 -9.55
CA GLN D 3 -2.04 34.44 -9.44
C GLN D 3 -1.95 34.85 -7.98
N LEU D 4 -1.14 35.87 -7.68
CA LEU D 4 -0.94 36.37 -6.33
C LEU D 4 -1.59 37.74 -6.18
N VAL D 5 -2.54 37.85 -5.23
CA VAL D 5 -3.23 39.10 -4.97
C VAL D 5 -3.01 39.47 -3.50
N GLU D 6 -2.40 40.63 -3.27
CA GLU D 6 -2.03 41.08 -1.94
C GLU D 6 -3.10 42.00 -1.35
N SER D 7 -3.03 42.16 -0.02
CA SER D 7 -3.90 43.08 0.69
C SER D 7 -3.52 44.53 0.42
N GLY D 8 -4.37 45.45 0.92
CA GLY D 8 -4.26 46.85 0.59
C GLY D 8 -3.16 47.56 1.35
N ALA D 9 -2.91 48.81 0.93
CA ALA D 9 -1.86 49.63 1.53
C ALA D 9 -2.10 49.83 3.03
N GLU D 10 -0.99 49.95 3.76
CA GLU D 10 -1.01 50.12 5.20
C GLU D 10 -0.30 51.43 5.58
N VAL D 11 -0.77 52.06 6.66
CA VAL D 11 -0.12 53.23 7.24
C VAL D 11 0.04 52.98 8.74
N LYS D 12 1.27 53.08 9.22
CA LYS D 12 1.63 52.66 10.57
C LYS D 12 2.52 53.70 11.24
N LYS D 13 2.37 53.83 12.57
CA LYS D 13 3.28 54.65 13.36
C LYS D 13 4.52 53.83 13.71
N PRO D 14 5.68 54.48 13.83
CA PRO D 14 6.89 53.77 14.26
C PRO D 14 6.67 53.05 15.59
N GLY D 15 7.16 51.81 15.65
CA GLY D 15 7.04 50.97 16.82
C GLY D 15 5.92 49.96 16.72
N SER D 16 4.96 50.18 15.81
CA SER D 16 3.86 49.27 15.59
C SER D 16 4.33 48.03 14.82
N SER D 17 3.41 47.11 14.60
CA SER D 17 3.62 45.98 13.70
C SER D 17 2.60 46.05 12.56
N VAL D 18 2.90 45.34 11.48
CA VAL D 18 1.98 45.22 10.34
C VAL D 18 1.93 43.77 9.90
N LYS D 19 0.76 43.35 9.40
CA LYS D 19 0.59 42.02 8.82
C LYS D 19 -0.12 42.15 7.48
N VAL D 20 0.60 41.79 6.40
CA VAL D 20 0.08 41.82 5.04
C VAL D 20 -0.17 40.39 4.58
N SER D 21 -1.16 40.23 3.70
CA SER D 21 -1.54 38.92 3.21
C SER D 21 -1.47 38.86 1.69
N CYS D 22 -1.48 37.64 1.17
CA CYS D 22 -1.32 37.40 -0.26
C CYS D 22 -2.10 36.13 -0.61
N LYS D 23 -3.16 36.26 -1.40
CA LYS D 23 -3.95 35.11 -1.82
C LYS D 23 -3.39 34.50 -3.10
N ALA D 24 -3.08 33.21 -3.06
CA ALA D 24 -2.62 32.47 -4.22
C ALA D 24 -3.75 31.62 -4.79
N SER D 25 -4.08 31.83 -6.06
CA SER D 25 -5.14 31.09 -6.73
C SER D 25 -4.61 30.46 -8.01
N GLY D 26 -5.20 29.34 -8.41
CA GLY D 26 -4.97 28.78 -9.73
C GLY D 26 -4.12 27.53 -9.80
N ASP D 27 -3.48 27.10 -8.72
CA ASP D 27 -2.62 25.93 -8.75
C ASP D 27 -2.54 25.32 -7.36
N THR D 28 -1.86 24.19 -7.25
CA THR D 28 -1.74 23.49 -5.98
C THR D 28 -0.84 24.27 -5.03
N PHE D 29 -1.47 24.87 -4.00
CA PHE D 29 -0.79 25.74 -3.05
C PHE D 29 0.50 25.13 -2.50
N ILE D 30 0.43 23.88 -2.03
CA ILE D 30 1.55 23.24 -1.36
C ILE D 30 2.69 22.84 -2.29
N ARG D 31 2.51 23.03 -3.60
CA ARG D 31 3.59 22.76 -4.54
C ARG D 31 4.43 23.98 -4.85
N TYR D 32 4.18 25.10 -4.16
CA TYR D 32 4.90 26.34 -4.35
C TYR D 32 5.59 26.73 -3.05
N SER D 33 6.72 27.42 -3.18
CA SER D 33 7.32 28.13 -2.06
C SER D 33 7.10 29.61 -2.30
N PHE D 34 7.01 30.37 -1.22
CA PHE D 34 6.68 31.78 -1.31
C PHE D 34 7.72 32.63 -0.60
N THR D 35 7.96 33.81 -1.17
CA THR D 35 9.03 34.71 -0.76
C THR D 35 8.45 36.11 -0.67
N TRP D 36 8.92 36.89 0.31
CA TRP D 36 8.57 38.30 0.40
C TRP D 36 9.78 39.18 0.09
N VAL D 37 9.55 40.19 -0.75
CA VAL D 37 10.59 41.11 -1.21
C VAL D 37 10.03 42.51 -1.07
N ARG D 38 10.84 43.44 -0.58
CA ARG D 38 10.40 44.81 -0.42
C ARG D 38 11.31 45.75 -1.21
N GLN D 39 10.81 46.95 -1.46
CA GLN D 39 11.52 47.93 -2.26
C GLN D 39 11.19 49.33 -1.75
N ALA D 40 12.14 49.95 -1.05
CA ALA D 40 11.93 51.30 -0.57
C ALA D 40 11.88 52.26 -1.77
N PRO D 41 11.17 53.38 -1.64
CA PRO D 41 11.02 54.28 -2.79
C PRO D 41 12.37 54.76 -3.29
N GLY D 42 12.59 54.60 -4.60
CA GLY D 42 13.82 55.01 -5.22
C GLY D 42 14.97 54.03 -5.10
N GLN D 43 14.81 52.94 -4.36
CA GLN D 43 15.88 51.98 -4.13
C GLN D 43 15.59 50.68 -4.88
N GLY D 44 16.31 49.62 -4.52
CA GLY D 44 16.21 48.34 -5.19
C GLY D 44 15.43 47.31 -4.40
N LEU D 45 15.44 46.09 -4.91
CA LEU D 45 14.77 44.98 -4.28
C LEU D 45 15.60 44.43 -3.13
N GLU D 46 14.93 44.01 -2.06
CA GLU D 46 15.59 43.43 -0.90
C GLU D 46 14.86 42.16 -0.50
N TRP D 47 15.58 41.05 -0.49
CA TRP D 47 15.02 39.77 -0.09
C TRP D 47 14.80 39.74 1.41
N MET D 48 13.59 39.36 1.82
CA MET D 48 13.24 39.33 3.23
C MET D 48 13.17 37.93 3.81
N GLY D 49 12.65 36.97 3.06
CA GLY D 49 12.52 35.62 3.56
C GLY D 49 11.67 34.77 2.64
N ARG D 50 11.63 33.48 2.95
CA ARG D 50 10.95 32.51 2.09
C ARG D 50 10.41 31.38 2.95
N ILE D 51 9.16 31.00 2.71
CA ILE D 51 8.51 29.89 3.40
C ILE D 51 8.41 28.69 2.45
N ILE D 52 8.81 27.53 2.94
CA ILE D 52 8.58 26.27 2.24
C ILE D 52 7.20 25.77 2.61
N THR D 53 6.21 26.10 1.77
CA THR D 53 4.80 25.93 2.12
C THR D 53 4.49 24.50 2.56
N ILE D 54 4.98 23.51 1.82
CA ILE D 54 4.65 22.13 2.14
C ILE D 54 5.17 21.75 3.53
N LEU D 55 6.28 22.36 3.96
CA LEU D 55 6.89 22.03 5.23
C LEU D 55 6.53 22.99 6.35
N ASP D 56 5.96 24.15 6.01
CA ASP D 56 5.67 25.21 6.99
C ASP D 56 6.93 25.72 7.68
N VAL D 57 8.00 25.83 6.90
CA VAL D 57 9.31 26.26 7.41
C VAL D 57 9.70 27.53 6.67
N ALA D 58 9.95 28.60 7.43
CA ALA D 58 10.33 29.88 6.86
C ALA D 58 11.76 30.22 7.28
N HIS D 59 12.45 30.95 6.40
CA HIS D 59 13.80 31.43 6.63
C HIS D 59 13.83 32.93 6.39
N TYR D 60 14.63 33.65 7.18
CA TYR D 60 14.58 35.11 7.16
C TYR D 60 15.96 35.69 6.89
N ALA D 61 15.96 36.90 6.33
CA ALA D 61 17.19 37.67 6.15
C ALA D 61 17.83 38.03 7.49
N PRO D 62 19.16 37.90 7.61
CA PRO D 62 19.84 38.19 8.90
C PRO D 62 19.52 39.55 9.53
N HIS D 63 19.40 40.62 8.74
CA HIS D 63 19.23 41.97 9.36
C HIS D 63 17.95 42.16 10.20
N LEU D 64 16.88 41.43 9.91
CA LEU D 64 15.61 41.53 10.58
C LEU D 64 15.04 40.26 11.36
N GLN D 65 15.92 39.26 11.32
CA GLN D 65 15.77 37.98 12.00
C GLN D 65 15.36 38.44 13.39
N GLY D 66 14.23 37.93 13.88
CA GLY D 66 13.75 38.23 15.20
C GLY D 66 12.50 39.10 15.21
N ARG D 67 12.32 39.93 14.18
CA ARG D 67 11.16 40.83 14.12
C ARG D 67 10.33 40.62 12.87
N VAL D 68 10.58 39.57 12.09
CA VAL D 68 9.80 39.24 10.91
C VAL D 68 9.28 37.82 11.06
N THR D 69 8.04 37.60 10.61
CA THR D 69 7.41 36.28 10.61
C THR D 69 6.67 36.04 9.30
N ILE D 70 6.97 34.92 8.64
CA ILE D 70 6.26 34.50 7.43
C ILE D 70 5.48 33.22 7.74
N THR D 71 4.17 33.25 7.47
CA THR D 71 3.29 32.11 7.71
C THR D 71 2.46 31.85 6.46
N ALA D 72 1.82 30.68 6.43
CA ALA D 72 0.94 30.30 5.32
C ALA D 72 -0.27 29.57 5.87
N ASP D 73 -1.46 29.92 5.38
CA ASP D 73 -2.70 29.23 5.76
C ASP D 73 -3.10 28.32 4.61
N LYS D 74 -2.80 27.02 4.73
CA LYS D 74 -3.12 26.07 3.68
C LYS D 74 -4.61 25.95 3.41
N SER D 75 -5.46 26.27 4.40
CA SER D 75 -6.90 26.13 4.21
C SER D 75 -7.51 27.28 3.42
N THR D 76 -6.82 28.42 3.34
CA THR D 76 -7.30 29.55 2.56
C THR D 76 -6.33 29.93 1.45
N SER D 77 -5.26 29.14 1.26
CA SER D 77 -4.24 29.41 0.26
C SER D 77 -3.69 30.84 0.38
N THR D 78 -3.43 31.27 1.61
CA THR D 78 -3.01 32.64 1.87
C THR D 78 -1.68 32.66 2.60
N VAL D 79 -0.78 33.54 2.16
CA VAL D 79 0.53 33.73 2.76
C VAL D 79 0.51 35.05 3.52
N TYR D 80 1.17 35.08 4.67
CA TYR D 80 1.19 36.27 5.51
C TYR D 80 2.62 36.71 5.81
N LEU D 81 2.83 38.02 5.84
CA LEU D 81 4.08 38.63 6.30
C LEU D 81 3.76 39.53 7.47
N GLU D 82 4.43 39.30 8.61
CA GLU D 82 4.33 40.18 9.77
C GLU D 82 5.69 40.83 10.04
N LEU D 83 5.69 42.15 10.17
CA LEU D 83 6.88 42.92 10.52
C LEU D 83 6.61 43.69 11.79
N ARG D 84 7.43 43.48 12.81
CA ARG D 84 7.22 44.05 14.12
C ARG D 84 8.22 45.19 14.35
N ASN D 85 7.92 46.00 15.38
CA ASN D 85 8.78 47.12 15.77
C ASN D 85 9.14 47.99 14.56
N LEU D 86 8.11 48.43 13.84
CA LEU D 86 8.32 49.12 12.58
C LEU D 86 9.14 50.38 12.76
N ARG D 87 10.04 50.63 11.82
CA ARG D 87 10.85 51.83 11.77
C ARG D 87 10.49 52.63 10.52
N SER D 88 10.78 53.93 10.56
CA SER D 88 10.51 54.80 9.42
C SER D 88 11.16 54.25 8.15
N ASP D 89 12.35 53.66 8.27
CA ASP D 89 13.04 53.09 7.12
C ASP D 89 12.42 51.79 6.62
N ASP D 90 11.37 51.29 7.27
CA ASP D 90 10.63 50.15 6.74
C ASP D 90 9.60 50.55 5.69
N THR D 91 9.40 51.85 5.46
CA THR D 91 8.52 52.31 4.40
C THR D 91 9.00 51.78 3.05
N ALA D 92 8.14 51.02 2.38
CA ALA D 92 8.48 50.38 1.12
C ALA D 92 7.22 49.79 0.51
N VAL D 93 7.34 49.35 -0.74
CA VAL D 93 6.36 48.47 -1.36
C VAL D 93 6.78 47.04 -1.09
N TYR D 94 5.85 46.23 -0.59
CA TYR D 94 6.09 44.83 -0.26
C TYR D 94 5.46 43.96 -1.33
N PHE D 95 6.28 43.11 -1.96
CA PHE D 95 5.82 42.20 -3.00
C PHE D 95 5.76 40.79 -2.46
N CYS D 96 4.65 40.10 -2.74
CA CYS D 96 4.53 38.67 -2.54
C CYS D 96 4.96 37.96 -3.81
N ALA D 97 5.73 36.88 -3.66
CA ALA D 97 6.22 36.14 -4.80
C ALA D 97 6.30 34.66 -4.46
N GLY D 98 6.28 33.84 -5.52
CA GLY D 98 6.30 32.40 -5.36
C GLY D 98 6.92 31.74 -6.56
N VAL D 99 7.19 30.44 -6.42
CA VAL D 99 7.77 29.66 -7.51
C VAL D 99 7.33 28.21 -7.34
N TYR D 100 7.10 27.53 -8.47
CA TYR D 100 6.72 26.13 -8.43
C TYR D 100 7.91 25.27 -8.03
N GLU D 101 7.69 24.32 -7.12
CA GLU D 101 8.77 23.55 -6.54
C GLU D 101 8.78 22.10 -6.99
N GLY D 102 7.75 21.64 -7.69
CA GLY D 102 7.61 20.24 -8.05
C GLY D 102 6.42 19.62 -7.34
N GLU D 103 6.32 18.30 -7.47
CA GLU D 103 5.23 17.54 -6.88
C GLU D 103 5.51 17.36 -5.39
N ALA D 104 5.35 18.46 -4.66
CA ALA D 104 5.72 18.49 -3.24
C ALA D 104 4.97 17.43 -2.44
N ASP D 105 3.70 17.19 -2.78
CA ASP D 105 2.91 16.18 -2.10
C ASP D 105 3.44 14.77 -2.33
N GLU D 106 4.34 14.59 -3.29
CA GLU D 106 5.01 13.31 -3.53
C GLU D 106 6.49 13.38 -3.20
N GLY D 107 6.88 14.32 -2.35
CA GLY D 107 8.25 14.43 -1.88
C GLY D 107 9.22 15.05 -2.86
N GLU D 108 8.75 15.51 -4.01
CA GLU D 108 9.59 16.21 -4.96
C GLU D 108 9.60 17.69 -4.65
N TYR D 109 10.79 18.27 -4.53
CA TYR D 109 10.94 19.66 -4.13
C TYR D 109 12.24 20.20 -4.69
N ASP D 110 12.14 21.12 -5.65
CA ASP D 110 13.32 21.65 -6.31
C ASP D 110 14.07 22.62 -5.41
N ASN D 111 13.37 23.22 -4.44
CA ASN D 111 13.92 24.29 -3.61
C ASN D 111 14.45 25.42 -4.50
N ASN D 112 13.58 25.90 -5.38
CA ASN D 112 13.92 26.99 -6.29
C ASN D 112 14.03 28.32 -5.55
N GLY D 113 15.06 29.08 -5.86
CA GLY D 113 15.26 30.35 -5.18
C GLY D 113 14.83 31.54 -6.01
N PHE D 114 14.57 31.33 -7.30
CA PHE D 114 14.09 32.40 -8.15
C PHE D 114 12.57 32.55 -8.00
N LEU D 115 12.03 33.61 -8.60
CA LEU D 115 10.66 34.03 -8.35
C LEU D 115 9.94 34.27 -9.67
N LYS D 116 9.07 33.34 -10.05
CA LYS D 116 8.38 33.40 -11.34
C LYS D 116 7.13 34.26 -11.27
N HIS D 117 6.35 34.13 -10.21
CA HIS D 117 5.07 34.82 -10.08
C HIS D 117 5.17 35.92 -9.02
N TRP D 118 4.60 37.08 -9.33
CA TRP D 118 4.72 38.26 -8.48
C TRP D 118 3.36 38.89 -8.24
N GLY D 119 3.13 39.33 -7.00
CA GLY D 119 1.95 40.12 -6.68
C GLY D 119 2.07 41.55 -7.15
N GLN D 120 0.98 42.30 -6.98
CA GLN D 120 0.97 43.68 -7.46
C GLN D 120 1.68 44.64 -6.52
N GLY D 121 2.04 44.22 -5.32
CA GLY D 121 2.72 45.04 -4.35
C GLY D 121 1.77 45.68 -3.35
N THR D 122 2.28 45.95 -2.16
CA THR D 122 1.54 46.61 -1.09
C THR D 122 2.40 47.72 -0.53
N LEU D 123 1.93 48.96 -0.64
CA LEU D 123 2.64 50.07 -0.03
C LEU D 123 2.40 50.06 1.48
N VAL D 124 3.49 50.02 2.26
CA VAL D 124 3.43 50.15 3.70
C VAL D 124 4.22 51.40 4.09
N THR D 125 3.52 52.41 4.58
CA THR D 125 4.14 53.65 5.02
C THR D 125 4.24 53.64 6.55
N VAL D 126 5.46 53.83 7.06
CA VAL D 126 5.69 53.95 8.50
C VAL D 126 6.21 55.36 8.78
N SER D 127 5.42 56.15 9.49
CA SER D 127 5.77 57.54 9.75
C SER D 127 4.99 58.04 10.95
N SER D 128 5.57 59.03 11.65
CA SER D 128 4.88 59.68 12.76
C SER D 128 3.75 60.58 12.28
N ALA D 129 3.72 60.92 10.99
CA ALA D 129 2.73 61.87 10.47
C ALA D 129 1.33 61.26 10.48
N SER D 130 0.33 62.13 10.61
CA SER D 130 -1.07 61.73 10.53
C SER D 130 -1.65 62.10 9.18
N THR D 131 -2.68 61.33 8.78
CA THR D 131 -3.34 61.54 7.49
C THR D 131 -3.84 62.97 7.36
N LYS D 132 -3.61 63.56 6.19
CA LYS D 132 -4.15 64.87 5.86
C LYS D 132 -4.13 65.08 4.36
N GLY D 133 -5.14 65.77 3.85
CA GLY D 133 -5.26 66.05 2.44
C GLY D 133 -4.37 67.19 1.96
N PRO D 134 -4.07 67.19 0.67
CA PRO D 134 -3.17 68.22 0.12
C PRO D 134 -3.84 69.57 -0.06
N SER D 135 -3.03 70.61 0.05
CA SER D 135 -3.40 71.92 -0.46
C SER D 135 -3.01 71.99 -1.94
N VAL D 136 -3.89 72.56 -2.75
CA VAL D 136 -3.65 72.66 -4.19
C VAL D 136 -3.59 74.14 -4.57
N PHE D 137 -2.46 74.56 -5.11
CA PHE D 137 -2.22 75.94 -5.48
C PHE D 137 -1.96 76.06 -6.98
N PRO D 138 -2.43 77.12 -7.63
CA PRO D 138 -2.21 77.27 -9.07
C PRO D 138 -0.79 77.70 -9.39
N LEU D 139 -0.28 77.17 -10.50
CA LEU D 139 0.95 77.65 -11.14
C LEU D 139 0.52 78.36 -12.41
N ALA D 140 0.28 79.65 -12.29
CA ALA D 140 -0.32 80.41 -13.38
C ALA D 140 0.67 80.63 -14.52
N PRO D 141 0.24 80.53 -15.77
CA PRO D 141 1.12 80.82 -16.89
C PRO D 141 1.50 82.29 -16.93
N SER D 142 2.72 82.56 -17.36
CA SER D 142 3.21 83.93 -17.44
C SER D 142 3.38 84.36 -18.89
N SER D 143 4.11 85.44 -19.10
CA SER D 143 4.30 86.00 -20.44
C SER D 143 5.32 85.20 -21.26
N THR D 146 6.71 82.37 -19.90
CA THR D 146 6.40 81.25 -20.79
C THR D 146 6.49 81.67 -22.25
N SER D 147 7.68 82.09 -22.67
CA SER D 147 7.86 82.69 -23.98
C SER D 147 7.61 81.64 -25.07
N GLY D 148 7.49 82.16 -26.30
CA GLY D 148 7.31 81.32 -27.48
C GLY D 148 5.86 81.14 -27.87
N GLY D 149 5.55 80.02 -28.53
CA GLY D 149 4.17 79.72 -28.87
C GLY D 149 3.54 78.76 -27.88
N THR D 150 4.34 78.28 -26.93
CA THR D 150 3.88 77.35 -25.91
C THR D 150 3.97 77.99 -24.53
N ALA D 151 2.94 77.77 -23.73
CA ALA D 151 2.87 78.26 -22.36
C ALA D 151 2.83 77.07 -21.41
N ALA D 152 3.38 77.27 -20.21
CA ALA D 152 3.38 76.26 -19.16
C ALA D 152 2.55 76.72 -17.98
N LEU D 153 1.77 75.79 -17.41
CA LEU D 153 0.96 76.04 -16.23
C LEU D 153 0.84 74.73 -15.47
N GLY D 154 0.34 74.79 -14.25
CA GLY D 154 0.17 73.57 -13.49
C GLY D 154 -0.47 73.80 -12.14
N CYS D 155 -0.36 72.76 -11.30
CA CYS D 155 -0.84 72.77 -9.93
C CYS D 155 0.23 72.24 -8.98
N LEU D 156 0.40 72.93 -7.86
CA LEU D 156 1.26 72.47 -6.77
C LEU D 156 0.42 71.74 -5.73
N VAL D 157 0.74 70.47 -5.50
CA VAL D 157 -0.04 69.62 -4.60
C VAL D 157 0.82 69.39 -3.37
N LYS D 158 0.56 70.13 -2.30
CA LYS D 158 1.52 70.30 -1.22
C LYS D 158 0.95 69.86 0.13
N ASP D 159 1.82 69.28 0.95
CA ASP D 159 1.54 68.98 2.36
C ASP D 159 0.42 67.96 2.54
N TYR D 160 0.58 66.80 1.90
CA TYR D 160 -0.38 65.71 2.07
C TYR D 160 0.34 64.49 2.64
N PHE D 161 -0.45 63.58 3.22
CA PHE D 161 0.09 62.33 3.74
C PHE D 161 -1.03 61.33 3.87
N PRO D 162 -0.83 60.06 3.51
CA PRO D 162 0.40 59.55 2.88
C PRO D 162 0.30 59.55 1.35
N GLU D 163 1.25 58.91 0.69
CA GLU D 163 1.10 58.56 -0.71
C GLU D 163 -0.01 57.53 -0.89
N PRO D 164 -0.58 57.42 -2.10
CA PRO D 164 -0.34 58.27 -3.27
C PRO D 164 -1.38 59.36 -3.47
N VAL D 165 -1.10 60.30 -4.37
CA VAL D 165 -2.08 61.25 -4.85
C VAL D 165 -2.20 61.08 -6.36
N THR D 166 -3.40 61.31 -6.87
CA THR D 166 -3.67 61.24 -8.31
C THR D 166 -4.05 62.63 -8.83
N VAL D 167 -3.48 63.00 -9.97
CA VAL D 167 -3.74 64.29 -10.59
C VAL D 167 -4.16 64.05 -12.04
N SER D 168 -5.26 64.68 -12.45
CA SER D 168 -5.67 64.71 -13.84
C SER D 168 -5.97 66.15 -14.24
N TRP D 169 -6.15 66.38 -15.53
CA TRP D 169 -6.47 67.71 -16.05
C TRP D 169 -7.76 67.65 -16.84
N ASN D 170 -8.60 68.67 -16.63
CA ASN D 170 -9.89 68.79 -17.33
C ASN D 170 -10.67 67.49 -17.27
N SER D 171 -10.70 66.88 -16.07
CA SER D 171 -11.44 65.64 -15.82
C SER D 171 -10.99 64.52 -16.77
N GLY D 172 -9.71 64.53 -17.14
CA GLY D 172 -9.17 63.49 -18.00
C GLY D 172 -9.18 63.82 -19.48
N ALA D 173 -9.72 64.97 -19.87
CA ALA D 173 -9.75 65.37 -21.27
C ALA D 173 -8.42 65.90 -21.77
N LEU D 174 -7.51 66.29 -20.87
CA LEU D 174 -6.22 66.83 -21.24
C LEU D 174 -5.13 65.92 -20.70
N THR D 175 -4.37 65.30 -21.62
CA THR D 175 -3.29 64.40 -21.24
C THR D 175 -2.02 64.70 -22.02
N SER D 176 -2.16 65.23 -23.24
CA SER D 176 -1.02 65.55 -24.07
C SER D 176 -0.20 66.66 -23.42
N GLY D 177 1.08 66.38 -23.18
CA GLY D 177 1.99 67.37 -22.61
C GLY D 177 1.91 67.50 -21.11
N VAL D 178 1.23 66.58 -20.43
CA VAL D 178 1.15 66.56 -18.98
C VAL D 178 2.35 65.82 -18.42
N HIS D 179 2.98 66.41 -17.41
CA HIS D 179 4.01 65.74 -16.61
C HIS D 179 3.61 65.87 -15.15
N THR D 180 3.28 64.75 -14.52
CA THR D 180 2.99 64.72 -13.09
C THR D 180 4.22 64.12 -12.41
N PHE D 181 4.92 64.96 -11.65
CA PHE D 181 6.19 64.57 -11.07
C PHE D 181 5.99 63.62 -9.90
N PRO D 182 6.93 62.69 -9.69
CA PRO D 182 6.94 61.92 -8.45
C PRO D 182 7.02 62.84 -7.25
N ALA D 183 6.33 62.45 -6.17
CA ALA D 183 6.34 63.26 -4.96
C ALA D 183 7.70 63.22 -4.28
N VAL D 184 8.01 64.28 -3.55
CA VAL D 184 9.16 64.34 -2.65
C VAL D 184 8.66 64.41 -1.22
N LEU D 185 9.48 63.93 -0.29
CA LEU D 185 9.20 64.02 1.13
C LEU D 185 9.86 65.25 1.73
N GLN D 186 9.06 66.17 2.26
CA GLN D 186 9.59 67.39 2.85
C GLN D 186 10.08 67.12 4.27
N SER D 187 10.92 68.04 4.78
CA SER D 187 11.47 67.86 6.12
C SER D 187 10.39 67.86 7.19
N SER D 188 9.17 68.28 6.87
CA SER D 188 8.05 68.27 7.80
C SER D 188 7.38 66.91 7.89
N GLY D 189 7.76 65.97 7.02
CA GLY D 189 7.15 64.66 6.99
C GLY D 189 5.93 64.55 6.11
N LEU D 190 5.58 65.60 5.37
CA LEU D 190 4.48 65.59 4.44
C LEU D 190 5.00 65.60 3.00
N TYR D 191 4.23 65.03 2.10
CA TYR D 191 4.64 64.94 0.69
C TYR D 191 4.22 66.17 -0.09
N SER D 192 4.91 66.37 -1.22
CA SER D 192 4.61 67.46 -2.14
C SER D 192 5.02 67.03 -3.54
N LEU D 193 4.18 67.37 -4.51
CA LEU D 193 4.52 67.17 -5.91
C LEU D 193 3.92 68.29 -6.74
N SER D 194 4.41 68.46 -7.95
CA SER D 194 3.82 69.35 -8.92
C SER D 194 3.37 68.59 -10.15
N SER D 195 2.28 69.05 -10.75
CA SER D 195 1.81 68.59 -12.05
C SER D 195 1.76 69.81 -12.97
N VAL D 196 2.46 69.72 -14.11
CA VAL D 196 2.45 70.78 -15.10
C VAL D 196 1.99 70.23 -16.45
N VAL D 197 1.66 71.15 -17.35
CA VAL D 197 1.25 70.82 -18.71
C VAL D 197 1.60 72.00 -19.60
N THR D 198 2.07 71.72 -20.80
CA THR D 198 2.37 72.75 -21.79
C THR D 198 1.26 72.81 -22.83
N VAL D 199 0.74 74.00 -23.06
CA VAL D 199 -0.38 74.21 -23.97
C VAL D 199 -0.05 75.38 -24.88
N PRO D 200 -0.68 75.45 -26.05
CA PRO D 200 -0.51 76.63 -26.91
C PRO D 200 -0.81 77.91 -26.16
N SER D 201 0.06 78.91 -26.33
CA SER D 201 -0.12 80.17 -25.61
C SER D 201 -1.33 80.92 -26.12
N SER D 202 -1.72 80.70 -27.37
CA SER D 202 -2.93 81.32 -27.92
C SER D 202 -4.20 80.79 -27.26
N SER D 203 -4.10 79.68 -26.53
CA SER D 203 -5.25 79.04 -25.90
C SER D 203 -5.57 79.60 -24.51
N LEU D 204 -4.68 80.40 -23.93
CA LEU D 204 -4.97 81.03 -22.66
C LEU D 204 -5.99 82.15 -22.85
N GLY D 205 -6.96 82.21 -21.95
CA GLY D 205 -8.05 83.16 -22.04
C GLY D 205 -9.29 82.59 -22.70
N THR D 206 -9.12 81.63 -23.60
CA THR D 206 -10.24 80.94 -24.26
C THR D 206 -10.50 79.56 -23.69
N GLN D 207 -9.47 78.76 -23.44
CA GLN D 207 -9.61 77.42 -22.89
C GLN D 207 -9.36 77.47 -21.40
N THR D 208 -10.24 76.84 -20.63
CA THR D 208 -10.08 76.77 -19.18
C THR D 208 -9.33 75.48 -18.83
N TYR D 209 -8.40 75.60 -17.89
CA TYR D 209 -7.60 74.47 -17.45
C TYR D 209 -7.83 74.26 -15.95
N ILE D 210 -8.37 73.10 -15.60
CA ILE D 210 -8.63 72.75 -14.20
C ILE D 210 -7.90 71.46 -13.90
N CYS D 211 -7.16 71.45 -12.80
CA CYS D 211 -6.48 70.25 -12.34
C CYS D 211 -7.32 69.58 -11.25
N ASN D 212 -7.47 68.26 -11.37
CA ASN D 212 -8.24 67.46 -10.42
C ASN D 212 -7.28 66.66 -9.56
N VAL D 213 -7.32 66.87 -8.25
CA VAL D 213 -6.40 66.21 -7.34
C VAL D 213 -7.23 65.35 -6.39
N ASN D 214 -6.96 64.05 -6.39
CA ASN D 214 -7.67 63.11 -5.53
C ASN D 214 -6.68 62.45 -4.56
N HIS D 215 -6.99 62.50 -3.28
CA HIS D 215 -6.18 61.83 -2.25
C HIS D 215 -7.08 60.88 -1.48
N LYS D 216 -7.08 59.61 -1.86
CA LYS D 216 -7.98 58.64 -1.27
C LYS D 216 -7.81 58.45 0.23
N PRO D 217 -6.59 58.36 0.80
CA PRO D 217 -6.47 58.15 2.26
C PRO D 217 -7.29 59.08 3.12
N SER D 218 -7.41 60.37 2.75
CA SER D 218 -8.20 61.31 3.53
C SER D 218 -9.51 61.67 2.84
N ASN D 219 -9.88 60.95 1.79
CA ASN D 219 -11.12 61.17 1.03
C ASN D 219 -11.28 62.63 0.58
N THR D 220 -10.20 63.24 0.12
CA THR D 220 -10.23 64.62 -0.33
C THR D 220 -10.13 64.71 -1.86
N LYS D 221 -10.98 65.56 -2.44
CA LYS D 221 -10.99 65.79 -3.88
C LYS D 221 -11.08 67.29 -4.10
N VAL D 222 -10.07 67.86 -4.76
CA VAL D 222 -9.99 69.29 -5.02
C VAL D 222 -9.84 69.52 -6.51
N ASP D 223 -10.62 70.47 -7.04
CA ASP D 223 -10.51 70.92 -8.42
C ASP D 223 -10.04 72.37 -8.39
N LYS D 224 -8.92 72.66 -9.05
CA LYS D 224 -8.33 73.99 -9.03
C LYS D 224 -8.19 74.52 -10.45
N LYS D 225 -8.90 75.61 -10.73
CA LYS D 225 -8.74 76.30 -12.00
C LYS D 225 -7.43 77.09 -12.01
N VAL D 226 -6.63 76.90 -13.05
CA VAL D 226 -5.37 77.62 -13.21
C VAL D 226 -5.56 78.61 -14.36
N GLU D 227 -5.51 79.89 -14.03
CA GLU D 227 -5.81 80.95 -14.98
C GLU D 227 -4.61 81.85 -15.23
N PRO D 228 -4.52 82.47 -16.41
CA PRO D 228 -3.49 83.50 -16.62
C PRO D 228 -3.69 84.68 -15.69
N LYS D 229 -2.75 84.89 -14.76
CA LYS D 229 -2.82 85.94 -13.74
C LYS D 229 -3.93 85.59 -12.76
N VAL E 1 31.79 -23.34 30.22
CA VAL E 1 30.67 -22.83 31.00
C VAL E 1 30.49 -21.33 30.75
N TRP E 2 29.26 -20.92 30.44
CA TRP E 2 28.95 -19.53 30.17
C TRP E 2 27.53 -19.25 30.65
N LYS E 3 27.13 -17.98 30.50
CA LYS E 3 25.81 -17.54 30.93
C LYS E 3 25.24 -16.58 29.89
N ASP E 4 23.92 -16.49 29.84
CA ASP E 4 23.24 -15.60 28.90
C ASP E 4 23.22 -14.19 29.50
N ALA E 5 24.02 -13.30 28.94
CA ALA E 5 24.09 -11.92 29.42
C ALA E 5 24.52 -11.02 28.28
N GLU E 6 24.27 -9.72 28.45
CA GLU E 6 24.62 -8.71 27.47
C GLU E 6 25.64 -7.73 28.06
N THR E 7 26.32 -7.02 27.17
CA THR E 7 27.33 -6.05 27.58
C THR E 7 27.42 -4.98 26.51
N THR E 8 28.33 -4.02 26.71
CA THR E 8 28.56 -2.93 25.78
C THR E 8 29.60 -3.39 24.75
N LEU E 9 29.12 -3.84 23.59
CA LEU E 9 29.99 -4.28 22.52
C LEU E 9 30.61 -3.09 21.79
N PHE E 10 31.61 -3.37 20.98
CA PHE E 10 32.21 -2.37 20.10
C PHE E 10 32.16 -2.89 18.67
N CYS E 11 32.70 -2.12 17.74
CA CYS E 11 32.61 -2.44 16.33
C CYS E 11 33.99 -2.44 15.69
N ALA E 12 34.15 -3.32 14.70
CA ALA E 12 35.33 -3.40 13.87
C ALA E 12 34.92 -3.23 12.42
N SER E 13 35.86 -2.73 11.61
CA SER E 13 35.54 -2.41 10.22
C SER E 13 36.83 -2.19 9.44
N ASP E 14 36.76 -2.47 8.15
CA ASP E 14 37.85 -2.17 7.21
C ASP E 14 37.68 -0.80 6.57
N ALA E 15 37.27 0.20 7.35
CA ALA E 15 37.01 1.52 6.78
C ALA E 15 38.30 2.19 6.36
N LYS E 16 38.24 2.89 5.22
CA LYS E 16 39.39 3.61 4.69
C LYS E 16 39.40 5.02 5.28
N ALA E 17 40.52 5.40 5.91
CA ALA E 17 40.60 6.71 6.53
C ALA E 17 40.60 7.82 5.49
N TYR E 18 41.08 7.53 4.27
CA TYR E 18 41.11 8.51 3.20
C TYR E 18 39.79 8.59 2.42
N GLU E 19 38.85 7.69 2.69
CA GLU E 19 37.57 7.71 2.00
C GLU E 19 36.66 8.76 2.61
N THR E 20 36.18 9.68 1.77
CA THR E 20 35.23 10.69 2.21
C THR E 20 33.81 10.16 2.34
N GLU E 21 33.57 8.91 1.97
CA GLU E 21 32.25 8.33 2.12
C GLU E 21 31.88 8.23 3.59
N LYS E 22 30.61 8.50 3.89
CA LYS E 22 30.21 8.75 5.28
C LYS E 22 30.27 7.48 6.12
N HIS E 23 29.92 6.32 5.54
CA HIS E 23 30.05 5.08 6.30
C HIS E 23 31.50 4.82 6.67
N ASN E 24 32.43 5.10 5.76
CA ASN E 24 33.85 4.91 6.07
C ASN E 24 34.30 5.86 7.18
N VAL E 25 33.87 7.12 7.13
CA VAL E 25 34.27 8.07 8.16
C VAL E 25 33.70 7.66 9.51
N TRP E 26 32.44 7.21 9.54
CA TRP E 26 31.83 6.79 10.79
C TRP E 26 32.53 5.57 11.36
N ALA E 27 32.79 4.57 10.52
CA ALA E 27 33.47 3.37 10.99
C ALA E 27 34.94 3.62 11.31
N THR E 28 35.50 4.73 10.83
CA THR E 28 36.87 5.08 11.19
C THR E 28 36.92 5.79 12.53
N HIS E 29 36.05 6.77 12.74
CA HIS E 29 36.05 7.54 13.98
C HIS E 29 35.24 6.90 15.09
N ALA E 30 34.63 5.73 14.84
CA ALA E 30 33.84 5.04 15.85
C ALA E 30 34.14 3.56 16.00
N CYS E 31 34.89 2.96 15.06
CA CYS E 31 35.19 1.54 15.12
C CYS E 31 36.68 1.32 14.92
N VAL E 32 37.15 0.16 15.38
CA VAL E 32 38.54 -0.25 15.26
C VAL E 32 38.70 -1.02 13.95
N PRO E 33 39.92 -1.30 13.49
CA PRO E 33 40.07 -2.19 12.33
C PRO E 33 39.56 -3.58 12.64
N THR E 34 39.29 -4.33 11.57
CA THR E 34 38.80 -5.69 11.72
C THR E 34 39.86 -6.59 12.35
N ASP E 35 39.40 -7.74 12.83
CA ASP E 35 40.29 -8.73 13.43
C ASP E 35 41.21 -9.30 12.35
N PRO E 36 42.52 -9.07 12.42
CA PRO E 36 43.41 -9.61 11.37
C PRO E 36 43.52 -11.12 11.39
N ASN E 37 43.25 -11.77 12.52
CA ASN E 37 43.27 -13.23 12.64
C ASN E 37 41.99 -13.69 13.32
N PRO E 38 40.86 -13.67 12.60
CA PRO E 38 39.60 -14.12 13.20
C PRO E 38 39.53 -15.64 13.22
N GLN E 39 38.96 -16.17 14.30
CA GLN E 39 38.86 -17.61 14.49
C GLN E 39 37.46 -17.97 14.99
N GLU E 40 37.01 -19.16 14.62
CA GLU E 40 35.70 -19.67 14.97
C GLU E 40 35.88 -21.07 15.57
N ILE E 41 35.74 -21.18 16.88
CA ILE E 41 36.00 -22.43 17.60
C ILE E 41 34.68 -23.16 17.79
N HIS E 42 34.58 -24.35 17.21
CA HIS E 42 33.39 -25.17 17.38
C HIS E 42 33.32 -25.73 18.80
N LEU E 43 32.10 -25.94 19.28
CA LEU E 43 31.85 -26.44 20.62
C LEU E 43 31.37 -27.88 20.54
N GLU E 44 32.10 -28.79 21.19
CA GLU E 44 31.76 -30.21 21.17
C GLU E 44 30.68 -30.51 22.20
N ASN E 45 29.62 -31.21 21.78
CA ASN E 45 28.53 -31.63 22.65
C ASN E 45 27.91 -30.45 23.38
N VAL E 46 27.55 -29.41 22.62
CA VAL E 46 26.98 -28.19 23.18
C VAL E 46 25.72 -27.86 22.37
N THR E 47 24.56 -27.93 23.02
CA THR E 47 23.29 -27.55 22.43
C THR E 47 22.83 -26.27 23.13
N GLU E 48 22.93 -25.14 22.44
CA GLU E 48 22.65 -23.84 23.02
C GLU E 48 21.32 -23.30 22.50
N GLU E 49 20.63 -22.57 23.36
CA GLU E 49 19.35 -21.96 23.01
C GLU E 49 19.57 -20.55 22.48
N PHE E 50 18.88 -20.23 21.39
CA PHE E 50 18.98 -18.92 20.76
C PHE E 50 17.58 -18.34 20.55
N ASN E 51 17.52 -17.01 20.55
CA ASN E 51 16.26 -16.30 20.32
C ASN E 51 16.62 -14.95 19.69
N MET E 52 16.39 -14.83 18.38
CA MET E 52 16.75 -13.61 17.67
C MET E 52 15.87 -12.43 18.07
N TRP E 53 14.60 -12.69 18.39
CA TRP E 53 13.64 -11.62 18.66
C TRP E 53 13.80 -11.00 20.04
N LYS E 54 14.69 -11.55 20.88
CA LYS E 54 15.00 -10.97 22.19
C LYS E 54 16.52 -10.89 22.34
N ASN E 55 17.15 -10.19 21.40
CA ASN E 55 18.60 -10.04 21.36
C ASN E 55 18.97 -8.57 21.49
N ASN E 56 19.92 -8.27 22.37
CA ASN E 56 20.35 -6.90 22.59
C ASN E 56 21.26 -6.39 21.49
N MET E 57 21.93 -7.30 20.76
CA MET E 57 22.75 -6.88 19.63
C MET E 57 21.93 -6.14 18.59
N VAL E 58 20.66 -6.51 18.43
CA VAL E 58 19.79 -5.83 17.48
C VAL E 58 19.62 -4.37 17.86
N GLU E 59 19.33 -4.11 19.15
CA GLU E 59 19.16 -2.74 19.61
C GLU E 59 20.47 -1.97 19.56
N GLN E 60 21.58 -2.63 19.85
CA GLN E 60 22.88 -1.96 19.76
C GLN E 60 23.17 -1.53 18.33
N MET E 61 22.95 -2.43 17.36
CA MET E 61 23.16 -2.08 15.96
C MET E 61 22.19 -1.01 15.50
N HIS E 62 20.95 -1.05 16.00
CA HIS E 62 19.97 -0.02 15.65
C HIS E 62 20.43 1.35 16.13
N THR E 63 20.90 1.43 17.38
CA THR E 63 21.40 2.71 17.89
C THR E 63 22.64 3.16 17.13
N ASP E 64 23.53 2.23 16.78
CA ASP E 64 24.72 2.60 16.02
C ASP E 64 24.36 3.15 14.65
N ILE E 65 23.37 2.54 13.99
CA ILE E 65 22.98 3.01 12.67
C ILE E 65 22.22 4.33 12.76
N ILE E 66 21.46 4.52 13.85
CA ILE E 66 20.82 5.82 14.08
C ILE E 66 21.88 6.91 14.22
N SER E 67 22.93 6.63 15.00
CA SER E 67 24.02 7.58 15.16
C SER E 67 24.72 7.83 13.83
N LEU E 68 24.92 6.78 13.03
CA LEU E 68 25.56 6.93 11.73
C LEU E 68 24.74 7.84 10.82
N TRP E 69 23.43 7.61 10.76
CA TRP E 69 22.57 8.42 9.90
C TRP E 69 22.40 9.84 10.42
N ASP E 70 22.56 10.05 11.73
CA ASP E 70 22.48 11.39 12.28
C ASP E 70 23.77 12.18 12.06
N GLN E 71 24.92 11.51 12.12
CA GLN E 71 26.20 12.18 11.90
C GLN E 71 26.59 12.26 10.43
N SER E 72 25.96 11.47 9.56
CA SER E 72 26.36 11.40 8.16
C SER E 72 25.46 12.26 7.28
N LEU E 73 24.20 11.84 7.11
CA LEU E 73 23.28 12.53 6.23
C LEU E 73 22.95 13.91 6.78
N LYS E 74 23.17 14.95 5.98
CA LYS E 74 22.88 16.33 6.35
C LYS E 74 21.72 16.83 5.50
N PRO E 75 20.48 16.69 5.95
CA PRO E 75 19.34 17.20 5.18
C PRO E 75 19.24 18.71 5.27
N CYS E 76 18.48 19.28 4.35
CA CYS E 76 18.29 20.73 4.34
C CYS E 76 17.42 21.18 5.52
N VAL E 77 16.36 20.44 5.81
CA VAL E 77 15.44 20.79 6.89
C VAL E 77 15.15 19.55 7.71
N LYS E 78 15.16 19.71 9.04
CA LYS E 78 14.78 18.66 9.97
C LYS E 78 13.55 19.10 10.76
N LEU E 79 12.61 18.17 10.97
CA LEU E 79 11.40 18.45 11.72
C LEU E 79 11.15 17.30 12.69
N THR E 80 11.12 17.61 13.98
CA THR E 80 10.92 16.60 15.03
C THR E 80 9.69 16.95 15.86
N PRO E 81 8.60 16.21 15.74
CA PRO E 81 7.42 16.50 16.57
C PRO E 81 7.58 16.02 18.01
N LEU E 82 6.49 16.00 18.77
CA LEU E 82 6.53 15.52 20.14
C LEU E 82 5.18 14.94 20.55
N CYS E 83 4.10 15.39 19.91
CA CYS E 83 2.76 14.87 20.21
C CYS E 83 2.62 13.43 19.73
N ASN E 88 -2.52 20.35 23.12
CA ASN E 88 -1.56 21.28 22.54
C ASN E 88 -0.44 20.53 21.83
N CYS E 89 -0.25 20.82 20.54
CA CYS E 89 0.77 20.17 19.73
C CYS E 89 1.53 21.23 18.94
N ASN E 90 2.86 21.19 19.07
CA ASN E 90 3.73 22.10 18.33
C ASN E 90 5.09 21.42 18.16
N THR E 91 5.76 21.72 17.04
CA THR E 91 7.02 21.07 16.73
C THR E 91 8.17 22.08 16.70
N SER E 92 9.25 21.71 16.02
CA SER E 92 10.42 22.58 15.88
C SER E 92 10.95 22.42 14.46
N ALA E 93 12.04 23.14 14.16
CA ALA E 93 12.64 23.10 12.84
C ALA E 93 14.13 23.36 12.96
N ILE E 94 14.95 22.53 12.31
CA ILE E 94 16.40 22.67 12.30
C ILE E 94 16.86 22.87 10.87
N THR E 95 17.69 23.88 10.65
CA THR E 95 18.11 24.26 9.31
C THR E 95 19.63 24.26 9.25
N GLN E 96 20.17 23.73 8.16
CA GLN E 96 21.62 23.62 7.96
C GLN E 96 21.89 23.31 6.51
N ALA E 97 23.15 23.49 6.12
CA ALA E 97 23.56 23.21 4.75
C ALA E 97 23.42 21.73 4.44
N CYS E 98 23.07 21.42 3.19
CA CYS E 98 22.80 20.06 2.75
C CYS E 98 23.60 19.76 1.49
N PRO E 99 24.89 19.44 1.63
CA PRO E 99 25.69 19.07 0.46
C PRO E 99 25.49 17.60 0.09
N LYS E 100 25.77 17.31 -1.17
CA LYS E 100 25.65 15.93 -1.68
C LYS E 100 26.87 15.13 -1.28
N VAL E 101 26.66 14.03 -0.56
CA VAL E 101 27.75 13.20 -0.07
C VAL E 101 27.60 11.80 -0.63
N SER E 102 28.73 11.10 -0.75
CA SER E 102 28.72 9.72 -1.23
C SER E 102 28.15 8.80 -0.17
N PHE E 103 27.35 7.82 -0.59
CA PHE E 103 26.69 6.90 0.32
C PHE E 103 26.79 5.50 -0.23
N GLU E 104 27.39 4.59 0.54
CA GLU E 104 27.51 3.19 0.18
C GLU E 104 27.83 2.38 1.43
N PRO E 105 26.90 1.54 1.91
CA PRO E 105 27.14 0.79 3.15
C PRO E 105 28.31 -0.18 3.02
N ILE E 106 29.09 -0.27 4.09
CA ILE E 106 30.27 -1.13 4.13
C ILE E 106 30.03 -2.21 5.20
N PRO E 107 30.68 -3.37 5.11
CA PRO E 107 30.49 -4.40 6.15
C PRO E 107 30.99 -3.92 7.49
N ILE E 108 30.21 -4.22 8.54
CA ILE E 108 30.52 -3.80 9.91
C ILE E 108 30.45 -5.04 10.79
N HIS E 109 31.56 -5.34 11.48
CA HIS E 109 31.61 -6.45 12.41
C HIS E 109 31.35 -5.94 13.82
N TYR E 110 30.64 -6.73 14.62
CA TYR E 110 30.35 -6.36 16.00
C TYR E 110 31.07 -7.31 16.93
N CYS E 111 32.00 -6.77 17.72
CA CYS E 111 32.85 -7.55 18.60
C CYS E 111 32.48 -7.30 20.06
N ALA E 112 32.64 -8.32 20.88
CA ALA E 112 32.41 -8.32 22.32
C ALA E 112 33.71 -8.08 23.07
N PRO E 113 33.67 -7.35 24.19
CA PRO E 113 34.91 -7.05 24.93
C PRO E 113 35.44 -8.26 25.70
N ALA E 114 36.27 -7.99 26.70
CA ALA E 114 36.87 -9.07 27.48
C ALA E 114 35.82 -9.72 28.38
N GLY E 115 36.00 -11.03 28.59
CA GLY E 115 35.08 -11.79 29.40
C GLY E 115 33.79 -12.20 28.71
N PHE E 116 33.59 -11.79 27.46
CA PHE E 116 32.38 -12.11 26.72
C PHE E 116 32.75 -12.72 25.36
N ALA E 117 31.87 -13.58 24.86
CA ALA E 117 32.04 -14.21 23.57
C ALA E 117 30.73 -14.12 22.79
N ILE E 118 30.78 -14.51 21.52
CA ILE E 118 29.62 -14.50 20.65
C ILE E 118 29.39 -15.93 20.18
N LEU E 119 28.27 -16.52 20.60
CA LEU E 119 27.89 -17.85 20.16
C LEU E 119 27.11 -17.73 18.85
N LYS E 120 27.52 -18.52 17.86
CA LYS E 120 26.93 -18.54 16.53
C LYS E 120 26.44 -19.96 16.24
N CYS E 121 25.19 -20.07 15.80
CA CYS E 121 24.60 -21.36 15.46
C CYS E 121 24.88 -21.67 13.99
N LYS E 122 25.31 -22.90 13.72
CA LYS E 122 25.68 -23.33 12.38
C LYS E 122 24.63 -24.22 11.73
N ASP E 123 23.43 -24.29 12.29
CA ASP E 123 22.38 -25.12 11.72
C ASP E 123 21.88 -24.50 10.42
N LYS E 124 21.96 -25.25 9.32
CA LYS E 124 21.46 -24.77 8.05
C LYS E 124 19.94 -24.66 8.03
N LYS E 125 19.25 -25.32 8.96
CA LYS E 125 17.80 -25.25 9.07
C LYS E 125 17.35 -24.52 10.35
N PHE E 126 18.26 -23.77 10.97
CA PHE E 126 17.92 -23.00 12.17
C PHE E 126 16.89 -21.93 11.82
N ASN E 127 15.67 -22.10 12.33
CA ASN E 127 14.55 -21.26 11.93
C ASN E 127 14.51 -19.91 12.66
N GLY E 128 15.37 -19.71 13.65
CA GLY E 128 15.42 -18.43 14.35
C GLY E 128 15.43 -18.56 15.85
N THR E 129 14.49 -19.31 16.41
CA THR E 129 14.35 -19.48 17.85
C THR E 129 14.39 -20.97 18.19
N GLY E 130 15.05 -21.29 19.30
CA GLY E 130 15.08 -22.65 19.79
C GLY E 130 16.48 -23.18 20.02
N PRO E 131 16.62 -24.50 20.12
CA PRO E 131 17.92 -25.09 20.38
C PRO E 131 18.76 -25.22 19.12
N CYS E 132 20.06 -25.39 19.32
CA CYS E 132 21.01 -25.57 18.23
C CYS E 132 22.17 -26.45 18.72
N PRO E 133 22.39 -27.60 18.10
CA PRO E 133 23.49 -28.48 18.53
C PRO E 133 24.85 -28.11 17.95
N SER E 134 24.89 -27.44 16.80
CA SER E 134 26.15 -27.05 16.15
C SER E 134 26.40 -25.58 16.47
N VAL E 135 27.08 -25.34 17.58
CA VAL E 135 27.38 -23.99 18.05
C VAL E 135 28.89 -23.76 17.98
N SER E 136 29.27 -22.53 17.68
CA SER E 136 30.66 -22.11 17.69
C SER E 136 30.79 -20.80 18.46
N THR E 137 32.00 -20.52 18.92
CA THR E 137 32.28 -19.29 19.64
C THR E 137 33.25 -18.42 18.84
N VAL E 138 32.95 -17.13 18.77
CA VAL E 138 33.77 -16.15 18.09
C VAL E 138 33.85 -14.90 18.95
N GLN E 139 34.57 -13.89 18.44
CA GLN E 139 34.63 -12.58 19.08
C GLN E 139 33.93 -11.50 18.27
N CYS E 140 33.95 -11.59 16.94
CA CYS E 140 33.30 -10.63 16.07
C CYS E 140 32.39 -11.35 15.09
N THR E 141 31.20 -10.82 14.90
CA THR E 141 30.33 -11.33 13.85
C THR E 141 30.87 -10.95 12.48
N HIS E 142 30.40 -11.66 11.46
CA HIS E 142 30.85 -11.37 10.11
C HIS E 142 30.33 -10.01 9.64
N GLY E 143 30.96 -9.48 8.59
CA GLY E 143 30.59 -8.18 8.06
C GLY E 143 29.15 -8.08 7.61
N ILE E 144 28.44 -7.09 8.13
CA ILE E 144 27.02 -6.90 7.83
C ILE E 144 26.85 -5.48 7.30
N LYS E 145 26.36 -5.36 6.07
CA LYS E 145 26.11 -4.04 5.49
C LYS E 145 24.83 -3.46 6.06
N PRO E 146 24.86 -2.28 6.67
CA PRO E 146 23.63 -1.66 7.22
C PRO E 146 22.75 -1.04 6.13
N VAL E 147 22.17 -1.90 5.30
CA VAL E 147 21.31 -1.46 4.20
C VAL E 147 19.94 -1.14 4.79
N VAL E 148 19.65 0.14 4.96
CA VAL E 148 18.36 0.57 5.48
C VAL E 148 17.37 0.60 4.31
N SER E 149 16.47 -0.38 4.28
CA SER E 149 15.50 -0.48 3.20
C SER E 149 14.22 -1.09 3.75
N THR E 150 13.11 -0.77 3.09
CA THR E 150 11.81 -1.30 3.46
C THR E 150 11.38 -2.40 2.49
N GLN E 151 10.46 -3.25 2.96
CA GLN E 151 9.90 -4.34 2.17
C GLN E 151 10.99 -5.33 1.73
N LEU E 152 11.90 -4.88 0.86
CA LEU E 152 12.94 -5.75 0.33
C LEU E 152 14.20 -5.66 1.19
N LEU E 153 14.99 -6.72 1.16
CA LEU E 153 16.27 -6.78 1.85
C LEU E 153 17.37 -6.94 0.81
N LEU E 154 18.29 -5.99 0.77
CA LEU E 154 19.36 -5.94 -0.22
C LEU E 154 20.72 -6.06 0.45
N ASN E 155 21.66 -6.69 -0.26
CA ASN E 155 23.04 -6.80 0.19
C ASN E 155 23.15 -7.49 1.54
N GLY E 156 22.33 -8.52 1.75
CA GLY E 156 22.37 -9.32 2.95
C GLY E 156 22.90 -10.71 2.69
N SER E 157 22.79 -11.55 3.72
CA SER E 157 23.21 -12.94 3.61
C SER E 157 22.06 -13.81 3.11
N LEU E 158 22.42 -14.98 2.60
CA LEU E 158 21.46 -15.93 2.04
C LEU E 158 21.30 -17.12 2.97
N ALA E 159 20.17 -17.81 2.80
CA ALA E 159 19.96 -19.07 3.51
C ALA E 159 20.84 -20.16 2.92
N GLU E 160 21.19 -21.14 3.75
CA GLU E 160 22.09 -22.20 3.32
C GLU E 160 21.45 -23.08 2.27
N GLU E 161 20.37 -23.77 2.61
CA GLU E 161 19.72 -24.71 1.70
C GLU E 161 18.30 -24.27 1.36
N GLU E 162 17.36 -24.32 2.30
CA GLU E 162 15.98 -23.98 2.05
C GLU E 162 15.68 -22.54 2.44
N VAL E 163 14.63 -21.98 1.86
CA VAL E 163 14.21 -20.62 2.18
C VAL E 163 13.72 -20.58 3.62
N MET E 164 14.23 -19.63 4.39
CA MET E 164 13.94 -19.55 5.82
C MET E 164 12.79 -18.58 6.08
N ILE E 165 11.86 -18.99 6.92
CA ILE E 165 10.70 -18.19 7.31
C ILE E 165 10.77 -18.01 8.81
N ARG E 166 10.96 -16.76 9.26
CA ARG E 166 11.11 -16.46 10.68
C ARG E 166 10.07 -15.45 11.11
N SER E 167 9.63 -15.56 12.37
CA SER E 167 8.67 -14.62 12.93
C SER E 167 8.64 -14.82 14.44
N GLU E 168 8.49 -13.71 15.18
CA GLU E 168 8.41 -13.81 16.63
C GLU E 168 7.20 -14.64 17.06
N ASN E 169 6.13 -14.61 16.28
CA ASN E 169 4.94 -15.43 16.58
C ASN E 169 4.10 -15.48 15.31
N ILE E 170 4.22 -16.59 14.57
CA ILE E 170 3.42 -16.76 13.36
C ILE E 170 1.95 -16.88 13.67
N THR E 171 1.60 -17.28 14.90
CA THR E 171 0.19 -17.37 15.28
C THR E 171 -0.45 -16.00 15.40
N ASN E 172 0.34 -14.97 15.75
CA ASN E 172 -0.16 -13.61 15.84
C ASN E 172 0.02 -12.93 14.49
N ASN E 173 -1.09 -12.41 13.94
CA ASN E 173 -1.04 -11.71 12.66
C ASN E 173 -0.43 -10.31 12.80
N ALA E 174 -0.24 -9.82 14.02
CA ALA E 174 0.35 -8.50 14.21
C ALA E 174 1.86 -8.53 14.06
N LYS E 175 2.51 -9.58 14.57
CA LYS E 175 3.96 -9.69 14.44
C LYS E 175 4.34 -9.97 12.99
N ASN E 176 5.36 -9.25 12.51
CA ASN E 176 5.77 -9.39 11.12
C ASN E 176 6.54 -10.70 10.91
N ILE E 177 6.73 -11.03 9.63
CA ILE E 177 7.45 -12.23 9.22
C ILE E 177 8.58 -11.80 8.30
N LEU E 178 9.72 -12.48 8.39
CA LEU E 178 10.85 -12.23 7.51
C LEU E 178 11.16 -13.50 6.73
N VAL E 179 11.45 -13.33 5.44
CA VAL E 179 11.75 -14.43 4.54
C VAL E 179 13.18 -14.23 4.04
N GLN E 180 14.05 -15.17 4.38
CA GLN E 180 15.45 -15.15 3.94
C GLN E 180 15.62 -16.14 2.81
N PHE E 181 16.06 -15.64 1.65
CA PHE E 181 16.18 -16.47 0.46
C PHE E 181 17.43 -17.34 0.52
N ASN E 182 17.39 -18.43 -0.25
CA ASN E 182 18.57 -19.26 -0.47
C ASN E 182 19.32 -18.85 -1.74
N THR E 183 18.64 -18.24 -2.70
CA THR E 183 19.24 -17.72 -3.92
C THR E 183 18.84 -16.26 -4.10
N PRO E 184 19.79 -15.40 -4.44
CA PRO E 184 19.48 -13.97 -4.57
C PRO E 184 18.84 -13.64 -5.91
N VAL E 185 18.09 -12.54 -5.92
CA VAL E 185 17.37 -12.09 -7.11
C VAL E 185 17.92 -10.72 -7.51
N GLN E 186 18.54 -10.65 -8.69
CA GLN E 186 19.17 -9.40 -9.10
C GLN E 186 18.15 -8.29 -9.28
N ILE E 187 18.60 -7.05 -9.05
CA ILE E 187 17.78 -5.86 -9.21
C ILE E 187 18.68 -4.69 -9.58
N ASN E 188 18.39 -4.04 -10.71
CA ASN E 188 19.20 -2.97 -11.26
C ASN E 188 18.34 -1.71 -11.29
N CYS E 189 18.57 -0.81 -10.33
CA CYS E 189 17.85 0.45 -10.26
C CYS E 189 18.67 1.53 -10.94
N THR E 190 18.02 2.32 -11.81
CA THR E 190 18.70 3.30 -12.63
C THR E 190 17.83 4.55 -12.76
N ARG E 191 18.47 5.71 -12.53
CA ARG E 191 17.91 7.01 -12.87
C ARG E 191 18.74 7.57 -14.03
N PRO E 192 18.22 7.59 -15.24
CA PRO E 192 19.03 8.04 -16.39
C PRO E 192 19.24 9.54 -16.37
N ASN E 193 20.16 9.98 -17.22
CA ASN E 193 20.49 11.39 -17.35
C ASN E 193 19.40 12.15 -18.09
N ASP E 213 18.48 14.58 -22.99
CA ASP E 213 19.15 14.91 -21.74
C ASP E 213 18.18 15.55 -20.76
N ILE E 214 17.43 16.56 -21.23
CA ILE E 214 16.36 17.15 -20.43
C ILE E 214 15.09 16.32 -20.47
N ILE E 215 15.08 15.24 -21.24
CA ILE E 215 13.89 14.39 -21.38
C ILE E 215 13.60 13.68 -20.06
N GLY E 216 12.33 13.60 -19.71
CA GLY E 216 11.89 12.89 -18.53
C GLY E 216 11.96 13.73 -17.27
N ASP E 217 11.28 13.23 -16.23
CA ASP E 217 11.29 13.89 -14.94
C ASP E 217 12.63 13.66 -14.24
N ILE E 218 13.00 14.63 -13.40
CA ILE E 218 14.27 14.54 -12.69
C ILE E 218 14.24 13.44 -11.64
N ARG E 219 13.08 13.15 -11.07
CA ARG E 219 12.95 12.15 -10.01
C ARG E 219 12.52 10.79 -10.52
N GLN E 220 12.20 10.66 -11.81
CA GLN E 220 11.73 9.39 -12.36
C GLN E 220 12.90 8.44 -12.57
N ALA E 221 12.74 7.20 -12.09
CA ALA E 221 13.75 6.17 -12.25
C ALA E 221 13.04 4.83 -12.37
N HIS E 222 13.80 3.77 -12.61
CA HIS E 222 13.19 2.46 -12.74
C HIS E 222 14.16 1.38 -12.29
N CYS E 223 13.61 0.35 -11.64
CA CYS E 223 14.38 -0.83 -11.23
C CYS E 223 13.95 -2.00 -12.11
N ASN E 224 14.89 -2.58 -12.83
CA ASN E 224 14.66 -3.75 -13.66
C ASN E 224 15.04 -5.01 -12.89
N VAL E 225 14.21 -6.04 -13.01
CA VAL E 225 14.45 -7.32 -12.35
C VAL E 225 13.94 -8.43 -13.27
N SER E 226 14.75 -9.47 -13.45
CA SER E 226 14.35 -10.60 -14.28
C SER E 226 13.15 -11.30 -13.67
N LYS E 227 12.08 -11.43 -14.46
CA LYS E 227 10.85 -12.02 -13.96
C LYS E 227 10.91 -13.53 -13.80
N ALA E 228 11.82 -14.20 -14.53
CA ALA E 228 11.90 -15.66 -14.41
C ALA E 228 12.49 -16.08 -13.07
N THR E 229 13.63 -15.49 -12.69
CA THR E 229 14.24 -15.82 -11.40
C THR E 229 13.35 -15.38 -10.25
N TRP E 230 12.73 -14.20 -10.36
CA TRP E 230 11.82 -13.74 -9.31
C TRP E 230 10.61 -14.66 -9.20
N ASN E 231 10.09 -15.14 -10.34
CA ASN E 231 8.98 -16.08 -10.33
C ASN E 231 9.37 -17.39 -9.63
N GLU E 232 10.55 -17.91 -9.96
CA GLU E 232 11.02 -19.14 -9.34
C GLU E 232 11.20 -18.97 -7.83
N THR E 233 11.82 -17.85 -7.42
CA THR E 233 12.03 -17.63 -5.99
C THR E 233 10.73 -17.38 -5.25
N LEU E 234 9.74 -16.74 -5.90
CA LEU E 234 8.45 -16.55 -5.26
C LEU E 234 7.71 -17.88 -5.11
N GLY E 235 7.85 -18.76 -6.11
CA GLY E 235 7.32 -20.11 -5.96
C GLY E 235 7.96 -20.85 -4.81
N LYS E 236 9.28 -20.74 -4.68
CA LYS E 236 9.97 -21.38 -3.55
C LYS E 236 9.50 -20.78 -2.22
N VAL E 237 9.26 -19.47 -2.19
CA VAL E 237 8.83 -18.82 -0.95
C VAL E 237 7.44 -19.29 -0.55
N VAL E 238 6.51 -19.37 -1.52
CA VAL E 238 5.17 -19.84 -1.17
C VAL E 238 5.19 -21.33 -0.83
N LYS E 239 6.11 -22.10 -1.44
CA LYS E 239 6.23 -23.51 -1.06
C LYS E 239 6.74 -23.66 0.36
N GLN E 240 7.70 -22.82 0.77
CA GLN E 240 8.16 -22.86 2.16
C GLN E 240 7.08 -22.36 3.12
N LEU E 241 6.27 -21.39 2.69
CA LEU E 241 5.11 -21.00 3.48
C LEU E 241 4.19 -22.19 3.71
N ARG E 242 3.92 -22.96 2.64
CA ARG E 242 3.12 -24.17 2.77
C ARG E 242 3.75 -25.15 3.75
N LYS E 243 5.05 -25.43 3.58
CA LYS E 243 5.75 -26.34 4.47
C LYS E 243 5.64 -25.90 5.92
N HIS E 244 5.67 -24.59 6.16
CA HIS E 244 5.51 -24.08 7.51
C HIS E 244 4.09 -24.29 8.02
N PHE E 245 3.10 -23.88 7.23
CA PHE E 245 1.70 -24.06 7.59
C PHE E 245 0.84 -23.76 6.37
N GLY E 246 -0.29 -24.47 6.26
CA GLY E 246 -1.28 -24.14 5.27
C GLY E 246 -1.45 -25.14 4.14
N ASN E 247 -0.54 -25.12 3.17
CA ASN E 247 -0.64 -25.82 1.90
C ASN E 247 -1.85 -25.37 1.07
N ASN E 248 -2.57 -24.35 1.50
CA ASN E 248 -3.82 -23.97 0.86
C ASN E 248 -3.60 -22.95 -0.26
N THR E 249 -4.42 -21.89 -0.26
CA THR E 249 -4.40 -20.89 -1.32
C THR E 249 -3.74 -19.63 -0.80
N ILE E 250 -2.47 -19.41 -1.18
CA ILE E 250 -1.78 -18.15 -0.95
C ILE E 250 -2.32 -17.16 -1.97
N ILE E 251 -3.20 -16.26 -1.53
CA ILE E 251 -4.06 -15.52 -2.44
C ILE E 251 -3.39 -14.22 -2.88
N ARG E 252 -3.38 -13.98 -4.19
CA ARG E 252 -3.09 -12.69 -4.80
C ARG E 252 -1.74 -12.09 -4.43
N PHE E 253 -1.42 -12.00 -3.14
CA PHE E 253 -0.27 -11.24 -2.66
C PHE E 253 -0.38 -9.79 -3.09
N ALA E 254 -1.08 -8.98 -2.30
CA ALA E 254 -1.34 -7.58 -2.67
C ALA E 254 -0.23 -6.68 -2.12
N ASN E 255 -0.45 -5.37 -2.23
CA ASN E 255 0.49 -4.38 -1.73
C ASN E 255 0.08 -3.93 -0.33
N SER E 256 0.83 -2.97 0.21
CA SER E 256 0.57 -2.48 1.56
C SER E 256 -0.76 -1.72 1.61
N SER E 257 -1.54 -1.99 2.65
CA SER E 257 -2.86 -1.38 2.83
C SER E 257 -2.71 -0.16 3.74
N GLY E 258 -2.57 1.01 3.12
CA GLY E 258 -2.46 2.25 3.86
C GLY E 258 -1.12 2.46 4.53
N GLY E 259 -0.86 3.68 4.96
CA GLY E 259 0.38 4.03 5.62
C GLY E 259 1.15 5.07 4.83
N ASP E 260 2.31 5.43 5.36
CA ASP E 260 3.17 6.40 4.71
C ASP E 260 3.78 5.82 3.43
N LEU E 261 4.34 6.71 2.61
CA LEU E 261 5.01 6.27 1.40
C LEU E 261 6.27 5.46 1.67
N GLU E 262 6.75 5.44 2.92
CA GLU E 262 7.93 4.65 3.25
C GLU E 262 7.60 3.17 3.42
N VAL E 263 6.38 2.85 3.82
CA VAL E 263 5.99 1.46 4.07
C VAL E 263 5.14 0.93 2.93
N THR E 264 4.43 1.84 2.24
CA THR E 264 3.58 1.44 1.13
C THR E 264 4.35 1.25 -0.17
N THR E 265 5.68 1.40 -0.15
CA THR E 265 6.48 1.24 -1.35
C THR E 265 7.91 0.94 -0.92
N HIS E 266 8.67 0.35 -1.84
CA HIS E 266 10.05 -0.03 -1.54
C HIS E 266 10.91 1.22 -1.39
N SER E 267 11.29 1.55 -0.17
CA SER E 267 12.05 2.76 0.13
C SER E 267 13.47 2.37 0.49
N PHE E 268 14.44 2.93 -0.23
CA PHE E 268 15.84 2.66 0.05
C PHE E 268 16.67 3.88 -0.37
N ASN E 269 17.98 3.74 -0.27
CA ASN E 269 18.90 4.82 -0.59
C ASN E 269 19.98 4.33 -1.56
N CYS E 270 20.27 5.15 -2.56
CA CYS E 270 21.29 4.84 -3.56
C CYS E 270 22.11 6.09 -3.82
N GLY E 271 23.39 6.04 -3.48
CA GLY E 271 24.28 7.16 -3.70
C GLY E 271 23.85 8.46 -3.02
N GLY E 272 23.07 8.36 -1.95
CA GLY E 272 22.55 9.53 -1.27
C GLY E 272 21.17 9.96 -1.69
N GLU E 273 20.59 9.31 -2.71
CA GLU E 273 19.26 9.64 -3.19
C GLU E 273 18.25 8.64 -2.65
N PHE E 274 17.12 9.14 -2.16
CA PHE E 274 16.09 8.29 -1.57
C PHE E 274 15.15 7.81 -2.67
N PHE E 275 15.21 6.52 -2.97
CA PHE E 275 14.37 5.91 -4.00
C PHE E 275 13.13 5.31 -3.34
N TYR E 276 11.96 5.64 -3.90
CA TYR E 276 10.68 5.06 -3.50
C TYR E 276 10.10 4.39 -4.73
N CYS E 277 10.08 3.06 -4.73
CA CYS E 277 9.75 2.26 -5.90
C CYS E 277 8.41 1.56 -5.72
N ASN E 278 7.65 1.50 -6.80
CA ASN E 278 6.33 0.88 -6.81
C ASN E 278 6.50 -0.64 -6.96
N THR E 279 5.92 -1.40 -6.03
CA THR E 279 6.09 -2.85 -5.98
C THR E 279 4.81 -3.59 -6.37
N SER E 280 3.89 -2.95 -7.09
CA SER E 280 2.67 -3.63 -7.49
C SER E 280 2.90 -4.65 -8.59
N GLY E 281 4.02 -4.55 -9.31
CA GLY E 281 4.28 -5.49 -10.39
C GLY E 281 4.71 -6.86 -9.93
N LEU E 282 5.44 -6.94 -8.82
CA LEU E 282 5.90 -8.22 -8.28
C LEU E 282 4.94 -8.81 -7.26
N PHE E 283 3.70 -8.31 -7.19
CA PHE E 283 2.72 -8.74 -6.19
C PHE E 283 1.41 -9.07 -6.91
N ASN E 284 1.35 -10.28 -7.48
CA ASN E 284 0.19 -10.80 -8.19
C ASN E 284 0.33 -12.32 -8.23
N SER E 285 0.22 -12.94 -7.05
CA SER E 285 0.40 -14.38 -6.87
C SER E 285 -0.97 -15.03 -6.76
N THR E 286 -1.60 -15.26 -7.91
CA THR E 286 -2.85 -16.00 -7.99
C THR E 286 -2.64 -17.50 -7.92
N TRP E 287 -1.70 -17.96 -7.09
CA TRP E 287 -1.33 -19.37 -7.01
C TRP E 287 -2.24 -20.07 -6.00
N ILE E 288 -3.17 -20.87 -6.51
CA ILE E 288 -3.97 -21.70 -5.62
C ILE E 288 -3.18 -22.94 -5.20
N SER E 289 -2.32 -23.44 -6.08
CA SER E 289 -1.49 -24.60 -5.78
C SER E 289 -0.05 -24.33 -6.18
N ASN E 290 0.20 -24.23 -7.48
CA ASN E 290 1.54 -23.96 -8.00
C ASN E 290 1.95 -22.51 -7.73
N ASN E 302 10.22 -12.43 -23.52
CA ASN E 302 11.28 -12.52 -22.51
C ASN E 302 11.54 -11.17 -21.86
N ASP E 303 10.47 -10.42 -21.61
CA ASP E 303 10.60 -9.11 -20.98
C ASP E 303 10.94 -9.27 -19.50
N SER E 304 11.28 -8.15 -18.87
CA SER E 304 11.62 -8.09 -17.46
C SER E 304 10.63 -7.18 -16.73
N ILE E 305 10.64 -7.28 -15.41
CA ILE E 305 9.77 -6.47 -14.57
C ILE E 305 10.45 -5.13 -14.32
N THR E 306 9.79 -4.04 -14.71
CA THR E 306 10.31 -2.68 -14.56
C THR E 306 9.43 -1.95 -13.56
N LEU E 307 9.96 -1.72 -12.35
CA LEU E 307 9.25 -1.02 -11.28
C LEU E 307 9.59 0.47 -11.34
N PRO E 308 8.59 1.34 -11.44
CA PRO E 308 8.87 2.78 -11.43
C PRO E 308 9.27 3.25 -10.04
N CYS E 309 10.04 4.33 -10.00
CA CYS E 309 10.57 4.87 -8.76
C CYS E 309 10.62 6.39 -8.83
N ARG E 310 10.41 7.02 -7.68
CA ARG E 310 10.53 8.46 -7.53
C ARG E 310 11.59 8.79 -6.49
N ILE E 311 12.25 9.93 -6.68
CA ILE E 311 13.27 10.42 -5.76
C ILE E 311 12.62 11.46 -4.86
N LYS E 312 12.38 11.09 -3.60
CA LYS E 312 11.69 11.95 -2.65
C LYS E 312 12.72 12.61 -1.75
N GLN E 313 12.70 13.94 -1.70
CA GLN E 313 13.54 14.65 -0.74
C GLN E 313 12.85 14.79 0.60
N ILE E 314 11.55 15.08 0.60
CA ILE E 314 10.76 15.20 1.82
C ILE E 314 10.40 13.77 2.25
N ILE E 315 11.17 13.21 3.18
CA ILE E 315 10.99 11.85 3.62
C ILE E 315 10.59 11.84 5.08
N ASN E 316 9.98 10.73 5.50
CA ASN E 316 9.69 10.45 6.90
C ASN E 316 10.78 9.53 7.42
N MET E 317 11.67 10.06 8.26
CA MET E 317 12.82 9.31 8.72
C MET E 317 12.39 8.07 9.50
N TRP E 318 13.10 6.97 9.27
CA TRP E 318 12.82 5.72 9.97
C TRP E 318 13.20 5.77 11.44
N GLN E 319 13.85 6.83 11.89
CA GLN E 319 14.21 7.01 13.29
C GLN E 319 13.09 7.65 14.10
N ARG E 320 11.86 7.62 13.60
CA ARG E 320 10.65 8.14 14.26
C ARG E 320 10.81 9.60 14.73
N ILE E 321 11.82 10.31 14.22
CA ILE E 321 12.11 11.67 14.68
C ILE E 321 11.57 12.68 13.68
N GLY E 322 10.48 12.34 13.00
CA GLY E 322 9.80 13.29 12.13
C GLY E 322 10.18 13.23 10.67
N GLN E 323 10.32 14.39 10.04
CA GLN E 323 10.56 14.48 8.61
C GLN E 323 11.88 15.18 8.33
N ALA E 324 12.39 14.96 7.11
CA ALA E 324 13.65 15.55 6.70
C ALA E 324 13.58 15.86 5.21
N MET E 325 14.01 17.05 4.83
CA MET E 325 14.08 17.48 3.43
C MET E 325 15.53 17.66 3.03
N TYR E 326 15.91 17.02 1.92
CA TYR E 326 17.27 16.97 1.41
C TYR E 326 17.39 17.83 0.14
N ALA E 327 18.46 17.62 -0.61
CA ALA E 327 18.81 18.39 -1.79
C ALA E 327 18.41 17.66 -3.06
N PRO E 328 18.29 18.37 -4.18
CA PRO E 328 17.97 17.71 -5.46
C PRO E 328 19.04 16.70 -5.84
N PRO E 329 18.71 15.73 -6.67
CA PRO E 329 19.69 14.70 -7.04
C PRO E 329 20.82 15.27 -7.88
N ILE E 330 21.90 14.49 -7.97
CA ILE E 330 23.10 14.89 -8.70
C ILE E 330 22.87 14.71 -10.19
N GLN E 331 23.85 15.10 -11.00
CA GLN E 331 23.76 14.99 -12.44
C GLN E 331 24.21 13.61 -12.90
N GLY E 332 24.02 13.35 -14.20
CA GLY E 332 24.40 12.08 -14.77
C GLY E 332 23.42 10.97 -14.43
N VAL E 333 23.92 9.73 -14.52
CA VAL E 333 23.12 8.55 -14.26
C VAL E 333 23.34 8.10 -12.82
N ILE E 334 22.29 7.60 -12.19
CA ILE E 334 22.35 7.06 -10.84
C ILE E 334 22.10 5.56 -10.93
N ARG E 335 23.10 4.77 -10.58
CA ARG E 335 23.08 3.32 -10.80
C ARG E 335 23.25 2.59 -9.48
N CYS E 336 22.42 1.56 -9.25
CA CYS E 336 22.60 0.68 -8.10
C CYS E 336 22.17 -0.72 -8.51
N VAL E 337 23.12 -1.65 -8.59
CA VAL E 337 22.85 -3.03 -8.94
C VAL E 337 23.09 -3.88 -7.69
N SER E 338 22.03 -4.50 -7.17
CA SER E 338 22.11 -5.31 -5.97
C SER E 338 21.39 -6.64 -6.21
N ASN E 339 21.38 -7.49 -5.19
CA ASN E 339 20.57 -8.71 -5.22
C ASN E 339 19.70 -8.72 -3.96
N ILE E 340 18.39 -8.84 -4.17
CA ILE E 340 17.48 -9.13 -3.06
C ILE E 340 17.86 -10.47 -2.45
N THR E 341 18.11 -10.47 -1.14
CA THR E 341 18.40 -11.70 -0.41
C THR E 341 17.28 -12.06 0.57
N GLY E 342 16.27 -11.21 0.72
CA GLY E 342 15.17 -11.49 1.62
C GLY E 342 14.16 -10.37 1.56
N LEU E 343 13.11 -10.53 2.36
CA LEU E 343 12.06 -9.53 2.42
C LEU E 343 11.31 -9.68 3.75
N ILE E 344 10.35 -8.76 3.97
CA ILE E 344 9.53 -8.75 5.17
C ILE E 344 8.07 -8.61 4.76
N LEU E 345 7.20 -9.37 5.41
CA LEU E 345 5.77 -9.38 5.11
C LEU E 345 4.98 -9.32 6.41
N THR E 346 3.68 -9.10 6.26
CA THR E 346 2.74 -9.04 7.37
C THR E 346 1.49 -9.81 6.98
N ARG E 347 1.02 -10.67 7.88
CA ARG E 347 -0.10 -11.55 7.60
C ARG E 347 -1.41 -10.90 8.03
N ASP E 348 -2.41 -10.96 7.16
CA ASP E 348 -3.78 -10.56 7.48
C ASP E 348 -4.55 -11.81 7.88
N GLY E 349 -4.77 -11.98 9.19
CA GLY E 349 -5.37 -13.20 9.70
C GLY E 349 -6.76 -13.51 9.18
N GLY E 350 -6.87 -13.76 7.88
CA GLY E 350 -8.14 -14.10 7.27
C GLY E 350 -8.28 -15.58 7.01
N SER E 351 -7.19 -16.33 7.16
CA SER E 351 -7.22 -17.77 6.91
C SER E 351 -7.96 -18.54 7.99
N THR E 352 -8.27 -17.92 9.12
CA THR E 352 -8.96 -18.63 10.19
C THR E 352 -10.41 -18.91 9.83
N ASN E 353 -11.13 -17.90 9.36
CA ASN E 353 -12.55 -18.03 9.06
C ASN E 353 -12.85 -18.21 7.58
N SER E 354 -11.91 -17.88 6.70
CA SER E 354 -12.09 -18.02 5.26
C SER E 354 -11.26 -19.20 4.76
N THR E 355 -10.87 -19.16 3.48
CA THR E 355 -10.13 -20.25 2.86
C THR E 355 -8.82 -19.82 2.22
N THR E 356 -8.47 -18.53 2.28
CA THR E 356 -7.28 -18.01 1.63
C THR E 356 -6.33 -17.42 2.67
N GLU E 357 -5.13 -17.06 2.22
CA GLU E 357 -4.07 -16.57 3.09
C GLU E 357 -3.47 -15.30 2.51
N THR E 358 -3.60 -14.20 3.24
CA THR E 358 -3.23 -12.88 2.76
C THR E 358 -1.95 -12.40 3.44
N PHE E 359 -0.96 -12.02 2.63
CA PHE E 359 0.25 -11.35 3.09
C PHE E 359 0.40 -10.02 2.36
N ARG E 360 1.02 -9.06 3.02
CA ARG E 360 1.26 -7.74 2.46
C ARG E 360 2.69 -7.30 2.77
N PRO E 361 3.28 -6.46 1.93
CA PRO E 361 4.65 -6.00 2.21
C PRO E 361 4.70 -5.12 3.44
N GLY E 362 5.73 -5.35 4.26
CA GLY E 362 5.90 -4.59 5.49
C GLY E 362 7.22 -3.86 5.56
N GLY E 363 7.75 -3.71 6.77
CA GLY E 363 9.01 -3.02 6.97
C GLY E 363 8.92 -1.89 7.99
N GLY E 364 9.67 -0.82 7.75
CA GLY E 364 9.67 0.31 8.66
C GLY E 364 10.63 0.15 9.82
N ASP E 365 10.33 -0.77 10.71
CA ASP E 365 11.18 -1.03 11.87
C ASP E 365 12.44 -1.74 11.40
N MET E 366 13.55 -0.98 11.29
CA MET E 366 14.80 -1.53 10.81
C MET E 366 15.44 -2.49 11.80
N ARG E 367 14.91 -2.60 13.02
CA ARG E 367 15.36 -3.65 13.93
C ARG E 367 15.16 -5.03 13.32
N ASP E 368 14.10 -5.21 12.54
CA ASP E 368 13.93 -6.45 11.80
C ASP E 368 14.99 -6.61 10.72
N ASN E 369 15.43 -5.50 10.12
CA ASN E 369 16.49 -5.58 9.12
C ASN E 369 17.80 -6.01 9.76
N TRP E 370 18.09 -5.51 10.97
CA TRP E 370 19.30 -5.95 11.66
C TRP E 370 19.15 -7.37 12.19
N ARG E 371 17.92 -7.78 12.53
CA ARG E 371 17.70 -9.13 13.02
C ARG E 371 17.83 -10.16 11.90
N SER E 372 17.60 -9.76 10.66
CA SER E 372 17.75 -10.68 9.53
C SER E 372 19.19 -11.14 9.36
N GLU E 373 20.16 -10.42 9.95
CA GLU E 373 21.56 -10.80 9.90
C GLU E 373 22.14 -11.15 11.25
N LEU E 374 21.55 -10.67 12.35
CA LEU E 374 22.01 -11.01 13.71
C LEU E 374 21.13 -12.07 14.35
N TYR E 375 20.58 -12.98 13.55
CA TYR E 375 19.68 -14.00 14.09
C TYR E 375 20.43 -15.17 14.71
N LYS E 376 21.60 -15.51 14.17
CA LYS E 376 22.36 -16.67 14.63
C LYS E 376 23.39 -16.32 15.69
N TYR E 377 23.59 -15.05 16.01
CA TYR E 377 24.58 -14.62 16.99
C TYR E 377 23.92 -14.24 18.30
N LYS E 378 24.61 -14.52 19.40
CA LYS E 378 24.19 -14.02 20.70
C LYS E 378 25.39 -13.85 21.61
N VAL E 379 25.33 -12.82 22.45
CA VAL E 379 26.42 -12.50 23.36
C VAL E 379 26.29 -13.34 24.63
N VAL E 380 27.40 -13.91 25.08
CA VAL E 380 27.42 -14.73 26.29
C VAL E 380 28.57 -14.28 27.18
N LYS E 381 28.34 -14.38 28.49
CA LYS E 381 29.34 -14.04 29.49
C LYS E 381 30.10 -15.30 29.91
N ILE E 382 31.42 -15.22 29.86
CA ILE E 382 32.25 -16.38 30.17
C ILE E 382 32.25 -16.61 31.68
N GLU E 383 31.95 -17.85 32.08
CA GLU E 383 31.96 -18.23 33.49
C GLU E 383 32.90 -19.40 33.73
#